data_1DQX
#
_entry.id   1DQX
#
_cell.length_a   79.890
_cell.length_b   79.970
_cell.length_c   98.190
_cell.angle_alpha   90.00
_cell.angle_beta   108.59
_cell.angle_gamma   90.00
#
_symmetry.space_group_name_H-M   'P 1 21 1'
#
loop_
_entity.id
_entity.type
_entity.pdbx_description
1 polymer "OROTIDINE 5'-PHOSPHATE DECARBOXYLASE"
2 non-polymer "6-HYDROXYURIDINE-5'-PHOSPHATE"
3 water water
#
_entity_poly.entity_id   1
_entity_poly.type   'polypeptide(L)'
_entity_poly.pdbx_seq_one_letter_code
;MHKATYKERAATHPSPVAAKLFNIMHEKQTNLCASLDVRTTKELLELVEALGPKICLLKTHVDILTDFSMEGTVKPLKAL
SAKYNFLLFEDRKFADIGNTVKLQYSAGVYRIAEWADITNAHGVVGPGIVSGLKQAAEEVTKEPRGLLMLAELSCKGSLS
TGEYTKGTVDIAKSDKDFVIGFIAQRDMGGRDEGYDWLIMTPGVGLDDKGDALGQQYRTVDDVVSTGSDIIIVGRGLFAK
GRDAKVEGERYRKAGWEAYLRRCGQQD
;
_entity_poly.pdbx_strand_id   A,B,C,D
#
# COMPACT_ATOMS: atom_id res chain seq x y z
N MET A 1 -16.10 42.84 -11.44
CA MET A 1 -16.81 41.54 -11.58
C MET A 1 -17.42 41.41 -12.97
N HIS A 2 -17.81 42.56 -13.55
CA HIS A 2 -18.38 42.57 -14.90
C HIS A 2 -17.37 41.95 -15.87
N LYS A 3 -17.86 41.16 -16.81
CA LYS A 3 -17.01 40.46 -17.77
C LYS A 3 -16.65 41.27 -19.02
N ALA A 4 -15.76 40.71 -19.84
CA ALA A 4 -15.32 41.33 -21.10
C ALA A 4 -16.43 41.14 -22.12
N THR A 5 -16.53 42.07 -23.08
CA THR A 5 -17.59 41.98 -24.08
C THR A 5 -17.58 40.59 -24.74
N TYR A 6 -18.62 40.31 -25.52
CA TYR A 6 -18.73 39.03 -26.21
C TYR A 6 -17.70 38.92 -27.33
N LYS A 7 -17.51 40.02 -28.05
CA LYS A 7 -16.55 40.08 -29.16
C LYS A 7 -15.13 39.77 -28.70
N GLU A 8 -14.82 40.11 -27.45
CA GLU A 8 -13.50 39.87 -26.88
C GLU A 8 -13.33 38.42 -26.45
N ARG A 9 -14.33 37.89 -25.75
CA ARG A 9 -14.29 36.52 -25.28
C ARG A 9 -14.32 35.54 -26.44
N ALA A 10 -14.68 36.05 -27.61
CA ALA A 10 -14.72 35.22 -28.80
C ALA A 10 -13.29 34.90 -29.23
N ALA A 11 -12.44 35.93 -29.19
CA ALA A 11 -11.04 35.78 -29.57
C ALA A 11 -10.21 35.23 -28.40
N THR A 12 -10.85 35.07 -27.25
CA THR A 12 -10.17 34.61 -26.05
C THR A 12 -10.55 33.19 -25.68
N HIS A 13 -11.77 32.79 -25.99
CA HIS A 13 -12.21 31.47 -25.59
C HIS A 13 -11.52 30.32 -26.30
N PRO A 14 -11.06 29.33 -25.52
CA PRO A 14 -10.36 28.15 -26.04
C PRO A 14 -11.22 27.23 -26.93
N SER A 15 -12.51 27.16 -26.62
CA SER A 15 -13.45 26.34 -27.37
C SER A 15 -13.95 27.03 -28.64
N PRO A 16 -13.86 26.34 -29.79
CA PRO A 16 -14.33 26.93 -31.03
C PRO A 16 -15.85 27.21 -31.05
N VAL A 17 -16.64 26.39 -30.34
CA VAL A 17 -18.08 26.61 -30.32
C VAL A 17 -18.46 27.82 -29.47
N ALA A 18 -17.80 27.97 -28.32
CA ALA A 18 -18.05 29.10 -27.43
C ALA A 18 -17.67 30.39 -28.13
N ALA A 19 -16.58 30.32 -28.90
CA ALA A 19 -16.08 31.46 -29.65
C ALA A 19 -17.12 31.88 -30.68
N LYS A 20 -17.55 30.93 -31.50
CA LYS A 20 -18.55 31.17 -32.55
C LYS A 20 -19.80 31.77 -31.93
N LEU A 21 -20.28 31.16 -30.87
CA LEU A 21 -21.48 31.64 -30.20
C LEU A 21 -21.32 33.10 -29.82
N PHE A 22 -20.20 33.41 -29.14
CA PHE A 22 -19.91 34.78 -28.75
C PHE A 22 -19.95 35.69 -29.97
N ASN A 23 -19.42 35.23 -31.09
CA ASN A 23 -19.42 36.01 -32.32
C ASN A 23 -20.86 36.24 -32.76
N ILE A 24 -21.67 35.18 -32.74
CA ILE A 24 -23.09 35.25 -33.12
C ILE A 24 -23.82 36.30 -32.29
N MET A 25 -23.57 36.27 -30.98
CA MET A 25 -24.17 37.22 -30.05
C MET A 25 -23.81 38.66 -30.41
N HIS A 26 -22.56 38.86 -30.79
CA HIS A 26 -22.08 40.18 -31.19
C HIS A 26 -22.67 40.54 -32.55
N GLU A 27 -22.51 39.65 -33.52
CA GLU A 27 -23.00 39.85 -34.89
C GLU A 27 -24.45 40.33 -34.90
N LYS A 28 -25.29 39.62 -34.18
CA LYS A 28 -26.72 39.91 -34.13
C LYS A 28 -27.24 40.67 -32.89
N GLN A 29 -26.36 40.94 -31.93
CA GLN A 29 -26.75 41.66 -30.72
C GLN A 29 -27.84 40.92 -29.97
N THR A 30 -27.54 39.69 -29.59
CA THR A 30 -28.49 38.86 -28.85
C THR A 30 -27.76 37.96 -27.89
N ASN A 31 -28.42 37.66 -26.78
CA ASN A 31 -27.91 36.74 -25.79
C ASN A 31 -29.12 35.90 -25.44
N LEU A 32 -30.08 35.90 -26.37
CA LEU A 32 -31.32 35.16 -26.23
C LEU A 32 -31.27 33.80 -26.91
N CYS A 33 -31.47 32.77 -26.09
CA CYS A 33 -31.52 31.40 -26.55
C CYS A 33 -33.01 31.07 -26.48
N ALA A 34 -33.55 30.51 -27.56
CA ALA A 34 -34.96 30.13 -27.60
C ALA A 34 -35.12 28.66 -27.22
N SER A 35 -36.03 28.39 -26.30
CA SER A 35 -36.28 27.01 -25.91
C SER A 35 -37.72 26.65 -26.30
N LEU A 36 -37.97 26.57 -27.61
CA LEU A 36 -39.30 26.25 -28.13
C LEU A 36 -39.64 24.78 -27.92
N ASP A 37 -40.20 24.47 -26.75
CA ASP A 37 -40.54 23.10 -26.43
C ASP A 37 -41.97 22.74 -26.83
N VAL A 38 -42.11 22.37 -28.10
CA VAL A 38 -43.39 21.97 -28.65
C VAL A 38 -43.27 20.50 -29.05
N ARG A 39 -44.40 19.81 -29.05
CA ARG A 39 -44.45 18.39 -29.34
C ARG A 39 -44.40 17.93 -30.79
N THR A 40 -44.53 18.85 -31.75
CA THR A 40 -44.48 18.48 -33.17
C THR A 40 -43.37 19.22 -33.93
N THR A 41 -42.75 18.54 -34.88
CA THR A 41 -41.69 19.15 -35.66
C THR A 41 -42.26 20.30 -36.47
N LYS A 42 -43.50 20.15 -36.90
CA LYS A 42 -44.15 21.18 -37.70
C LYS A 42 -44.04 22.51 -36.99
N GLU A 43 -44.69 22.65 -35.84
CA GLU A 43 -44.64 23.91 -35.10
C GLU A 43 -43.24 24.28 -34.61
N LEU A 44 -42.42 23.30 -34.26
CA LEU A 44 -41.06 23.60 -33.82
C LEU A 44 -40.39 24.40 -34.93
N LEU A 45 -40.39 23.85 -36.14
CA LEU A 45 -39.76 24.51 -37.27
C LEU A 45 -40.41 25.84 -37.64
N GLU A 46 -41.68 26.02 -37.31
CA GLU A 46 -42.38 27.28 -37.58
C GLU A 46 -41.92 28.32 -36.56
N LEU A 47 -41.79 27.90 -35.31
CA LEU A 47 -41.33 28.80 -34.26
C LEU A 47 -39.87 29.17 -34.53
N VAL A 48 -39.07 28.22 -34.97
CA VAL A 48 -37.65 28.47 -35.25
C VAL A 48 -37.49 29.45 -36.41
N GLU A 49 -38.31 29.26 -37.44
CA GLU A 49 -38.31 30.12 -38.60
C GLU A 49 -38.57 31.57 -38.17
N ALA A 50 -39.46 31.75 -37.19
CA ALA A 50 -39.82 33.07 -36.68
C ALA A 50 -38.78 33.68 -35.73
N LEU A 51 -38.20 32.85 -34.87
CA LEU A 51 -37.19 33.32 -33.93
C LEU A 51 -35.80 33.42 -34.59
N GLY A 52 -35.59 32.57 -35.60
CA GLY A 52 -34.32 32.52 -36.32
C GLY A 52 -33.39 33.71 -36.24
N PRO A 53 -33.81 34.92 -36.67
CA PRO A 53 -32.97 36.13 -36.65
C PRO A 53 -32.71 36.84 -35.31
N LYS A 54 -33.44 36.47 -34.28
CA LYS A 54 -33.28 37.10 -32.97
C LYS A 54 -32.62 36.21 -31.94
N ILE A 55 -32.27 35.00 -32.30
CA ILE A 55 -31.62 34.10 -31.34
C ILE A 55 -30.17 33.75 -31.68
N CYS A 56 -29.36 33.52 -30.64
CA CYS A 56 -27.95 33.17 -30.83
C CYS A 56 -27.78 31.67 -30.64
N LEU A 57 -28.80 31.06 -30.05
CA LEU A 57 -28.78 29.63 -29.76
C LEU A 57 -30.20 29.07 -29.72
N LEU A 58 -30.36 27.80 -30.02
CA LEU A 58 -31.67 27.13 -29.97
C LEU A 58 -31.51 25.90 -29.12
N LYS A 59 -32.17 25.90 -27.97
CA LYS A 59 -32.10 24.76 -27.06
C LYS A 59 -33.26 23.87 -27.39
N THR A 60 -32.96 22.61 -27.66
CA THR A 60 -34.01 21.68 -28.03
C THR A 60 -34.21 20.52 -27.08
N HIS A 61 -35.39 19.92 -27.20
CA HIS A 61 -35.78 18.75 -26.44
C HIS A 61 -36.46 17.89 -27.49
N VAL A 62 -35.66 17.15 -28.25
CA VAL A 62 -36.19 16.33 -29.31
C VAL A 62 -37.00 15.13 -28.77
N ASP A 63 -36.73 14.70 -27.54
CA ASP A 63 -37.44 13.56 -27.00
C ASP A 63 -38.81 13.91 -26.47
N ILE A 64 -39.24 15.12 -26.80
CA ILE A 64 -40.53 15.65 -26.37
C ILE A 64 -41.40 15.63 -27.64
N LEU A 65 -40.72 15.59 -28.78
CA LEU A 65 -41.30 15.57 -30.13
C LEU A 65 -41.98 14.25 -30.45
N THR A 66 -43.24 14.34 -30.89
CA THR A 66 -44.04 13.18 -31.22
C THR A 66 -43.66 12.59 -32.57
N ASP A 67 -43.13 13.44 -33.45
CA ASP A 67 -42.77 13.02 -34.79
C ASP A 67 -41.32 13.31 -35.19
N PHE A 68 -40.36 12.90 -34.35
CA PHE A 68 -38.97 13.14 -34.68
C PHE A 68 -38.46 12.21 -35.78
N SER A 69 -37.56 12.74 -36.60
CA SER A 69 -36.92 12.00 -37.69
C SER A 69 -35.65 12.79 -38.08
N MET A 70 -34.59 12.06 -38.44
CA MET A 70 -33.35 12.70 -38.83
C MET A 70 -33.55 13.59 -40.04
N GLU A 71 -34.39 13.13 -40.99
CA GLU A 71 -34.67 13.89 -42.21
C GLU A 71 -35.64 15.07 -42.04
N GLY A 72 -36.70 14.87 -41.27
CA GLY A 72 -37.70 15.91 -41.07
C GLY A 72 -37.51 16.84 -39.88
N THR A 73 -36.67 16.46 -38.93
CA THR A 73 -36.44 17.32 -37.78
C THR A 73 -35.04 17.92 -37.79
N VAL A 74 -34.02 17.07 -37.84
CA VAL A 74 -32.62 17.52 -37.81
C VAL A 74 -32.15 18.21 -39.09
N LYS A 75 -32.39 17.59 -40.25
CA LYS A 75 -31.96 18.17 -41.50
C LYS A 75 -32.48 19.62 -41.61
N PRO A 76 -33.81 19.85 -41.40
CA PRO A 76 -34.41 21.19 -41.47
C PRO A 76 -33.88 22.17 -40.42
N LEU A 77 -33.63 21.66 -39.22
CA LEU A 77 -33.12 22.49 -38.14
C LEU A 77 -31.72 22.94 -38.49
N LYS A 78 -30.88 22.00 -38.93
CA LYS A 78 -29.52 22.33 -39.31
C LYS A 78 -29.51 23.44 -40.34
N ALA A 79 -30.42 23.34 -41.31
CA ALA A 79 -30.54 24.35 -42.36
C ALA A 79 -30.92 25.69 -41.75
N LEU A 80 -31.96 25.71 -40.91
CA LEU A 80 -32.41 26.92 -40.26
C LEU A 80 -31.26 27.58 -39.50
N SER A 81 -30.47 26.76 -38.81
CA SER A 81 -29.32 27.20 -38.02
C SER A 81 -28.32 27.88 -38.93
N ALA A 82 -28.12 27.29 -40.11
CA ALA A 82 -27.18 27.83 -41.09
C ALA A 82 -27.74 29.09 -41.73
N LYS A 83 -29.05 29.10 -41.96
CA LYS A 83 -29.71 30.24 -42.59
C LYS A 83 -29.82 31.46 -41.67
N TYR A 84 -30.26 31.26 -40.44
CA TYR A 84 -30.41 32.38 -39.53
C TYR A 84 -29.22 32.60 -38.62
N ASN A 85 -28.23 31.72 -38.73
CA ASN A 85 -27.01 31.82 -37.93
C ASN A 85 -27.13 31.75 -36.40
N PHE A 86 -27.33 30.54 -35.88
CA PHE A 86 -27.41 30.28 -34.45
C PHE A 86 -26.96 28.85 -34.27
N LEU A 87 -26.59 28.49 -33.05
CA LEU A 87 -26.13 27.13 -32.78
C LEU A 87 -27.26 26.24 -32.25
N LEU A 88 -27.01 24.94 -32.24
CA LEU A 88 -27.99 23.97 -31.76
C LEU A 88 -27.54 23.40 -30.46
N PHE A 89 -28.42 23.46 -29.47
CA PHE A 89 -28.15 22.95 -28.14
C PHE A 89 -29.25 21.95 -27.73
N GLU A 90 -28.91 20.67 -27.69
CA GLU A 90 -29.87 19.65 -27.29
C GLU A 90 -29.76 19.49 -25.79
N ASP A 91 -30.82 19.91 -25.09
CA ASP A 91 -30.91 19.86 -23.64
C ASP A 91 -31.32 18.45 -23.19
N ARG A 92 -30.46 17.48 -23.42
CA ARG A 92 -30.73 16.09 -23.08
C ARG A 92 -30.41 15.77 -21.62
N LYS A 93 -29.53 16.56 -21.01
CA LYS A 93 -29.17 16.36 -19.60
C LYS A 93 -28.75 14.93 -19.33
N PHE A 94 -27.68 14.51 -19.98
CA PHE A 94 -27.20 13.16 -19.76
C PHE A 94 -26.89 12.97 -18.30
N ALA A 95 -27.24 11.81 -17.77
CA ALA A 95 -27.00 11.53 -16.38
C ALA A 95 -27.01 10.04 -16.09
N ASP A 96 -26.02 9.32 -16.62
CA ASP A 96 -25.89 7.87 -16.43
C ASP A 96 -24.41 7.51 -16.58
N ILE A 97 -24.07 6.23 -16.43
CA ILE A 97 -22.66 5.79 -16.56
C ILE A 97 -22.06 6.32 -17.84
N GLY A 98 -20.74 6.46 -17.85
CA GLY A 98 -20.07 6.94 -19.05
C GLY A 98 -20.39 6.02 -20.23
N ASN A 99 -20.56 4.74 -19.95
CA ASN A 99 -20.86 3.78 -21.01
C ASN A 99 -22.28 3.95 -21.56
N THR A 100 -23.25 4.11 -20.67
CA THR A 100 -24.62 4.29 -21.10
C THR A 100 -24.79 5.58 -21.88
N VAL A 101 -24.31 6.71 -21.33
CA VAL A 101 -24.44 8.02 -21.98
C VAL A 101 -23.73 8.11 -23.34
N LYS A 102 -22.67 7.31 -23.51
CA LYS A 102 -21.88 7.26 -24.75
C LYS A 102 -22.77 6.80 -25.89
N LEU A 103 -23.63 5.83 -25.57
CA LEU A 103 -24.56 5.29 -26.56
C LEU A 103 -25.77 6.18 -26.73
N GLN A 104 -26.29 6.71 -25.63
CA GLN A 104 -27.46 7.58 -25.71
C GLN A 104 -27.12 8.87 -26.45
N TYR A 105 -25.86 9.26 -26.40
CA TYR A 105 -25.42 10.50 -27.01
C TYR A 105 -25.05 10.39 -28.49
N SER A 106 -24.25 9.40 -28.83
CA SER A 106 -23.80 9.28 -30.22
C SER A 106 -24.74 8.56 -31.19
N ALA A 107 -25.56 7.68 -30.65
CA ALA A 107 -26.46 6.90 -31.48
C ALA A 107 -27.91 6.97 -31.10
N GLY A 108 -28.50 5.79 -30.96
CA GLY A 108 -29.90 5.71 -30.64
C GLY A 108 -30.67 6.15 -31.86
N VAL A 109 -31.81 6.77 -31.62
CA VAL A 109 -32.69 7.27 -32.65
C VAL A 109 -32.37 8.73 -32.98
N TYR A 110 -32.11 9.53 -31.95
CA TYR A 110 -31.83 10.95 -32.10
C TYR A 110 -30.44 11.26 -32.64
N ARG A 111 -29.46 10.39 -32.37
CA ARG A 111 -28.09 10.59 -32.83
C ARG A 111 -27.61 12.03 -32.55
N ILE A 112 -27.87 12.47 -31.31
CA ILE A 112 -27.55 13.82 -30.85
C ILE A 112 -26.14 14.33 -31.12
N ALA A 113 -25.15 13.50 -30.87
CA ALA A 113 -23.76 13.89 -31.08
C ALA A 113 -23.46 14.26 -32.52
N GLU A 114 -24.36 13.94 -33.43
CA GLU A 114 -24.15 14.23 -34.84
C GLU A 114 -24.51 15.62 -35.32
N TRP A 115 -25.50 16.24 -34.69
CA TRP A 115 -25.96 17.56 -35.10
C TRP A 115 -25.88 18.65 -34.04
N ALA A 116 -25.98 18.23 -32.77
CA ALA A 116 -25.94 19.18 -31.67
C ALA A 116 -24.57 19.78 -31.47
N ASP A 117 -24.49 21.09 -31.63
CA ASP A 117 -23.24 21.82 -31.43
C ASP A 117 -22.95 21.76 -29.94
N ILE A 118 -24.00 21.85 -29.13
CA ILE A 118 -23.86 21.82 -27.68
C ILE A 118 -24.87 20.92 -26.99
N THR A 119 -24.50 20.39 -25.84
CA THR A 119 -25.37 19.55 -25.01
C THR A 119 -24.98 19.80 -23.55
N ASN A 120 -25.48 18.96 -22.65
CA ASN A 120 -25.18 19.13 -21.25
C ASN A 120 -25.31 17.83 -20.46
N ALA A 121 -24.76 17.84 -19.24
CA ALA A 121 -24.82 16.68 -18.37
C ALA A 121 -24.98 17.10 -16.91
N HIS A 122 -25.56 16.21 -16.10
CA HIS A 122 -25.73 16.48 -14.69
C HIS A 122 -24.41 16.10 -14.06
N GLY A 123 -24.06 16.74 -12.95
CA GLY A 123 -22.80 16.43 -12.30
C GLY A 123 -22.87 15.17 -11.48
N VAL A 124 -24.08 14.72 -11.17
CA VAL A 124 -24.30 13.54 -10.35
C VAL A 124 -23.42 12.32 -10.64
N VAL A 125 -23.38 11.89 -11.89
CA VAL A 125 -22.62 10.70 -12.29
C VAL A 125 -21.13 10.69 -12.00
N GLY A 126 -20.52 11.87 -11.93
CA GLY A 126 -19.09 11.92 -11.68
C GLY A 126 -18.40 12.53 -12.89
N PRO A 127 -17.06 12.58 -12.89
CA PRO A 127 -16.30 13.16 -14.00
C PRO A 127 -16.30 12.29 -15.25
N GLY A 128 -16.49 10.99 -15.06
CA GLY A 128 -16.50 10.08 -16.19
C GLY A 128 -17.60 10.34 -17.21
N ILE A 129 -18.45 11.33 -16.97
CA ILE A 129 -19.50 11.61 -17.92
C ILE A 129 -18.97 12.53 -19.01
N VAL A 130 -18.14 13.49 -18.61
CA VAL A 130 -17.52 14.44 -19.55
C VAL A 130 -16.61 13.74 -20.54
N SER A 131 -15.98 12.65 -20.11
CA SER A 131 -15.10 11.90 -20.99
C SER A 131 -15.96 10.96 -21.85
N GLY A 132 -16.99 10.39 -21.24
CA GLY A 132 -17.86 9.49 -21.97
C GLY A 132 -18.56 10.23 -23.11
N LEU A 133 -18.94 11.48 -22.84
CA LEU A 133 -19.63 12.28 -23.84
C LEU A 133 -18.67 12.86 -24.86
N LYS A 134 -17.45 13.17 -24.44
CA LYS A 134 -16.43 13.72 -25.33
C LYS A 134 -15.99 12.66 -26.34
N GLN A 135 -15.71 11.47 -25.84
CA GLN A 135 -15.29 10.36 -26.67
C GLN A 135 -16.41 9.97 -27.60
N ALA A 136 -17.64 9.90 -27.10
CA ALA A 136 -18.80 9.52 -27.92
C ALA A 136 -18.95 10.45 -29.12
N ALA A 137 -18.71 11.74 -28.88
CA ALA A 137 -18.81 12.76 -29.91
C ALA A 137 -17.71 12.63 -30.96
N GLU A 138 -16.48 12.43 -30.52
CA GLU A 138 -15.35 12.32 -31.44
C GLU A 138 -15.30 10.98 -32.18
N GLU A 139 -16.14 10.03 -31.75
CA GLU A 139 -16.22 8.75 -32.42
C GLU A 139 -17.21 8.83 -33.58
N VAL A 140 -18.05 9.87 -33.61
CA VAL A 140 -19.02 10.00 -34.70
C VAL A 140 -18.92 11.32 -35.48
N THR A 141 -18.10 12.25 -35.00
CA THR A 141 -17.97 13.53 -35.70
C THR A 141 -16.63 14.19 -35.54
N LYS A 142 -16.21 14.91 -36.58
CA LYS A 142 -14.96 15.64 -36.56
C LYS A 142 -15.30 17.09 -36.21
N GLU A 143 -16.60 17.38 -36.17
CA GLU A 143 -17.12 18.72 -35.85
C GLU A 143 -16.94 19.04 -34.37
N PRO A 144 -16.75 20.33 -34.05
CA PRO A 144 -16.55 20.82 -32.68
C PRO A 144 -17.80 20.71 -31.81
N ARG A 145 -17.64 20.11 -30.63
CA ARG A 145 -18.76 19.95 -29.72
C ARG A 145 -18.42 20.70 -28.44
N GLY A 146 -19.46 21.10 -27.71
CA GLY A 146 -19.27 21.80 -26.46
C GLY A 146 -20.23 21.28 -25.41
N LEU A 147 -19.75 21.11 -24.19
CA LEU A 147 -20.57 20.60 -23.11
C LEU A 147 -20.82 21.63 -22.00
N LEU A 148 -22.05 21.67 -21.49
CA LEU A 148 -22.42 22.58 -20.41
C LEU A 148 -22.76 21.71 -19.21
N MET A 149 -22.32 22.12 -18.03
CA MET A 149 -22.63 21.37 -16.82
C MET A 149 -23.77 22.06 -16.06
N LEU A 150 -24.73 21.25 -15.62
CA LEU A 150 -25.86 21.78 -14.86
C LEU A 150 -25.44 21.98 -13.43
N ALA A 151 -25.11 23.23 -13.11
CA ALA A 151 -24.66 23.64 -11.78
C ALA A 151 -25.85 23.90 -10.88
N GLU A 152 -26.82 24.65 -11.39
CA GLU A 152 -28.01 24.96 -10.62
C GLU A 152 -29.25 24.89 -11.51
N LEU A 153 -30.38 24.61 -10.88
CA LEU A 153 -31.66 24.51 -11.57
C LEU A 153 -32.51 25.73 -11.20
N SER A 154 -33.68 25.90 -11.81
CA SER A 154 -34.51 27.05 -11.50
C SER A 154 -35.88 26.67 -10.94
N CYS A 155 -36.11 25.37 -10.81
CA CYS A 155 -37.38 24.86 -10.29
C CYS A 155 -37.37 24.74 -8.78
N LYS A 156 -38.56 24.74 -8.20
CA LYS A 156 -38.72 24.67 -6.75
C LYS A 156 -38.25 23.33 -6.16
N GLY A 157 -37.29 23.42 -5.23
CA GLY A 157 -36.78 22.22 -4.58
C GLY A 157 -35.49 21.63 -5.13
N SER A 158 -34.86 22.31 -6.09
CA SER A 158 -33.62 21.81 -6.68
C SER A 158 -32.61 21.35 -5.63
N LEU A 159 -31.91 20.27 -5.93
CA LEU A 159 -30.90 19.76 -5.01
C LEU A 159 -29.51 20.17 -5.49
N SER A 160 -29.44 20.98 -6.54
CA SER A 160 -28.16 21.47 -7.06
C SER A 160 -27.71 22.58 -6.13
N THR A 161 -27.52 22.21 -4.86
CA THR A 161 -27.13 23.15 -3.83
C THR A 161 -25.65 23.12 -3.49
N GLY A 162 -25.15 24.28 -3.08
CA GLY A 162 -23.76 24.44 -2.71
C GLY A 162 -22.81 23.29 -2.96
N GLU A 163 -22.90 22.25 -2.14
CA GLU A 163 -22.01 21.09 -2.26
C GLU A 163 -22.05 20.42 -3.61
N TYR A 164 -23.23 19.99 -4.03
CA TYR A 164 -23.40 19.32 -5.31
C TYR A 164 -22.97 20.28 -6.45
N THR A 165 -23.28 21.56 -6.29
CA THR A 165 -22.93 22.58 -7.28
C THR A 165 -21.40 22.67 -7.40
N LYS A 166 -20.72 22.41 -6.29
CA LYS A 166 -19.27 22.43 -6.21
C LYS A 166 -18.69 21.26 -7.00
N GLY A 167 -19.12 20.05 -6.64
CA GLY A 167 -18.63 18.87 -7.32
C GLY A 167 -18.83 18.97 -8.82
N THR A 168 -19.93 19.59 -9.22
CA THR A 168 -20.26 19.76 -10.62
C THR A 168 -19.33 20.78 -11.29
N VAL A 169 -19.11 21.91 -10.63
CA VAL A 169 -18.21 22.94 -11.18
C VAL A 169 -16.82 22.33 -11.32
N ASP A 170 -16.55 21.32 -10.50
CA ASP A 170 -15.27 20.63 -10.53
C ASP A 170 -15.13 19.77 -11.76
N ILE A 171 -16.23 19.15 -12.15
CA ILE A 171 -16.19 18.29 -13.32
C ILE A 171 -15.93 19.10 -14.59
N ALA A 172 -16.36 20.36 -14.59
CA ALA A 172 -16.16 21.24 -15.75
C ALA A 172 -14.72 21.70 -15.95
N LYS A 173 -13.96 21.75 -14.85
CA LYS A 173 -12.58 22.19 -14.88
C LYS A 173 -11.69 21.15 -15.59
N SER A 174 -12.23 19.96 -15.74
CA SER A 174 -11.53 18.82 -16.35
C SER A 174 -11.17 19.01 -17.81
N ASP A 175 -11.93 19.82 -18.52
CA ASP A 175 -11.68 20.03 -19.95
C ASP A 175 -12.12 21.42 -20.40
N LYS A 176 -11.18 22.35 -20.42
CA LYS A 176 -11.48 23.73 -20.81
C LYS A 176 -11.80 23.90 -22.28
N ASP A 177 -11.47 22.90 -23.10
CA ASP A 177 -11.74 22.96 -24.54
C ASP A 177 -13.15 22.49 -24.84
N PHE A 178 -13.56 21.44 -24.13
CA PHE A 178 -14.85 20.81 -24.31
C PHE A 178 -15.95 21.46 -23.47
N VAL A 179 -15.71 21.64 -22.18
CA VAL A 179 -16.73 22.24 -21.30
C VAL A 179 -16.72 23.76 -21.45
N ILE A 180 -17.77 24.24 -22.10
CA ILE A 180 -17.98 25.64 -22.39
C ILE A 180 -18.36 26.47 -21.16
N GLY A 181 -19.16 25.89 -20.27
CA GLY A 181 -19.60 26.61 -19.09
C GLY A 181 -20.65 25.90 -18.28
N PHE A 182 -21.70 26.60 -17.88
CA PHE A 182 -22.72 25.95 -17.08
C PHE A 182 -24.11 26.45 -17.35
N ILE A 183 -25.06 25.63 -16.95
CA ILE A 183 -26.45 26.00 -17.01
C ILE A 183 -26.54 26.31 -15.52
N ALA A 184 -26.60 27.60 -15.17
CA ALA A 184 -26.68 28.01 -13.78
C ALA A 184 -27.52 29.29 -13.63
N GLN A 185 -27.87 29.61 -12.39
CA GLN A 185 -28.68 30.80 -12.10
C GLN A 185 -27.83 32.02 -11.80
N ARG A 186 -26.56 31.80 -11.55
CA ARG A 186 -25.66 32.90 -11.24
C ARG A 186 -24.23 32.62 -11.73
N ASP A 187 -23.41 33.66 -11.75
CA ASP A 187 -22.02 33.56 -12.16
C ASP A 187 -21.42 32.43 -11.35
N MET A 188 -20.53 31.63 -11.94
CA MET A 188 -19.90 30.52 -11.21
C MET A 188 -18.38 30.74 -11.03
N GLY A 189 -17.95 31.97 -11.27
CA GLY A 189 -16.54 32.30 -11.15
C GLY A 189 -15.66 31.53 -12.10
N GLY A 190 -14.40 31.35 -11.71
CA GLY A 190 -13.47 30.62 -12.55
C GLY A 190 -12.46 31.51 -13.25
N ARG A 191 -12.83 32.76 -13.50
CA ARG A 191 -11.96 33.74 -14.16
C ARG A 191 -10.56 33.65 -13.63
N ASP A 192 -10.45 33.55 -12.31
CA ASP A 192 -9.17 33.44 -11.60
C ASP A 192 -8.31 32.27 -12.07
N GLU A 193 -8.96 31.14 -12.35
CA GLU A 193 -8.27 29.94 -12.79
C GLU A 193 -8.16 29.81 -14.30
N GLY A 194 -8.36 30.91 -15.04
CA GLY A 194 -8.27 30.89 -16.49
C GLY A 194 -9.46 30.28 -17.22
N TYR A 195 -10.64 30.36 -16.59
CA TYR A 195 -11.85 29.82 -17.15
C TYR A 195 -12.82 30.90 -17.62
N ASP A 196 -13.30 30.76 -18.86
CA ASP A 196 -14.24 31.73 -19.40
C ASP A 196 -15.59 31.02 -19.46
N TRP A 197 -16.02 30.49 -18.33
CA TRP A 197 -17.30 29.79 -18.21
C TRP A 197 -18.48 30.57 -18.79
N LEU A 198 -19.21 29.92 -19.70
CA LEU A 198 -20.37 30.53 -20.30
C LEU A 198 -21.54 30.21 -19.36
N ILE A 199 -22.29 31.23 -18.97
CA ILE A 199 -23.43 31.03 -18.07
C ILE A 199 -24.75 31.20 -18.79
N MET A 200 -25.45 30.09 -19.01
CA MET A 200 -26.73 30.13 -19.70
C MET A 200 -27.79 29.82 -18.68
N THR A 201 -28.74 30.73 -18.50
CA THR A 201 -29.76 30.45 -17.50
C THR A 201 -31.22 30.44 -17.95
N PRO A 202 -31.91 29.31 -17.68
CA PRO A 202 -33.30 29.07 -18.02
C PRO A 202 -34.14 29.57 -16.86
N GLY A 203 -35.46 29.49 -16.99
CA GLY A 203 -36.32 29.99 -15.94
C GLY A 203 -36.32 31.50 -15.96
N VAL A 204 -36.45 32.05 -17.16
CA VAL A 204 -36.48 33.49 -17.36
C VAL A 204 -37.81 33.86 -18.00
N GLY A 205 -38.45 34.89 -17.45
CA GLY A 205 -39.71 35.32 -17.99
C GLY A 205 -40.06 36.70 -17.49
N LEU A 206 -40.53 37.54 -18.42
CA LEU A 206 -40.92 38.91 -18.10
C LEU A 206 -42.37 38.96 -17.61
N ASP A 207 -43.17 37.99 -18.00
CA ASP A 207 -44.55 37.97 -17.61
C ASP A 207 -44.92 36.90 -16.59
N ASP A 208 -44.71 35.65 -16.96
CA ASP A 208 -45.04 34.53 -16.08
C ASP A 208 -44.26 34.50 -14.75
N LYS A 209 -44.89 34.00 -13.70
CA LYS A 209 -44.24 33.90 -12.41
C LYS A 209 -43.82 32.45 -12.31
N GLY A 210 -44.44 31.62 -13.18
CA GLY A 210 -44.05 30.23 -13.28
C GLY A 210 -44.92 29.04 -12.97
N ASP A 211 -44.29 28.17 -12.20
CA ASP A 211 -44.81 26.91 -11.69
C ASP A 211 -45.71 26.05 -12.55
N ALA A 212 -46.75 25.57 -11.87
CA ALA A 212 -47.76 24.65 -12.35
C ALA A 212 -47.15 23.32 -11.92
N LEU A 213 -45.87 23.14 -12.24
CA LEU A 213 -45.11 21.93 -11.90
C LEU A 213 -43.69 22.19 -11.39
N GLY A 214 -43.50 23.27 -10.65
CA GLY A 214 -42.20 23.59 -10.09
C GLY A 214 -41.39 24.73 -10.69
N GLN A 215 -41.80 25.24 -11.85
CA GLN A 215 -41.05 26.32 -12.46
C GLN A 215 -41.14 27.62 -11.68
N GLN A 216 -40.14 28.46 -11.88
CA GLN A 216 -40.06 29.75 -11.25
C GLN A 216 -39.26 30.61 -12.21
N TYR A 217 -39.80 31.78 -12.55
CA TYR A 217 -39.14 32.69 -13.47
C TYR A 217 -38.53 33.92 -12.80
N ARG A 218 -37.46 34.40 -13.43
CA ARG A 218 -36.72 35.58 -12.99
C ARG A 218 -36.68 36.51 -14.20
N THR A 219 -36.82 37.81 -13.98
CA THR A 219 -36.81 38.72 -15.13
C THR A 219 -35.48 38.72 -15.88
N VAL A 220 -35.53 39.24 -17.10
CA VAL A 220 -34.34 39.32 -17.93
C VAL A 220 -33.29 40.15 -17.21
N ASP A 221 -33.69 41.31 -16.70
CA ASP A 221 -32.75 42.16 -16.00
C ASP A 221 -32.21 41.46 -14.76
N ASP A 222 -33.08 40.76 -14.04
CA ASP A 222 -32.69 40.05 -12.81
C ASP A 222 -31.50 39.12 -13.08
N VAL A 223 -31.71 38.09 -13.90
CA VAL A 223 -30.66 37.13 -14.21
C VAL A 223 -29.38 37.71 -14.80
N VAL A 224 -29.51 38.60 -15.78
CA VAL A 224 -28.35 39.23 -16.41
C VAL A 224 -27.41 39.85 -15.39
N SER A 225 -27.93 40.73 -14.56
CA SER A 225 -27.13 41.39 -13.54
C SER A 225 -26.50 40.35 -12.59
N THR A 226 -27.02 39.12 -12.62
CA THR A 226 -26.51 38.05 -11.78
C THR A 226 -25.30 37.39 -12.47
N GLY A 227 -24.99 37.87 -13.67
CA GLY A 227 -23.86 37.34 -14.42
C GLY A 227 -24.19 36.35 -15.53
N SER A 228 -25.42 36.39 -16.02
CA SER A 228 -25.86 35.49 -17.08
C SER A 228 -25.40 36.01 -18.43
N ASP A 229 -24.81 35.12 -19.22
CA ASP A 229 -24.34 35.47 -20.55
C ASP A 229 -25.48 35.28 -21.56
N ILE A 230 -26.25 34.22 -21.38
CA ILE A 230 -27.37 33.89 -22.27
C ILE A 230 -28.65 33.61 -21.47
N ILE A 231 -29.79 34.09 -21.97
CA ILE A 231 -31.07 33.86 -21.32
C ILE A 231 -31.89 32.84 -22.12
N ILE A 232 -32.25 31.74 -21.45
CA ILE A 232 -33.02 30.67 -22.07
C ILE A 232 -34.51 30.85 -21.78
N VAL A 233 -35.27 31.28 -22.79
CA VAL A 233 -36.70 31.52 -22.62
C VAL A 233 -37.54 30.58 -23.50
N GLY A 234 -38.53 29.94 -22.89
CA GLY A 234 -39.40 29.03 -23.60
C GLY A 234 -40.86 29.47 -23.69
N ARG A 235 -41.70 29.03 -22.75
CA ARG A 235 -43.13 29.38 -22.75
C ARG A 235 -43.32 30.90 -22.74
N GLY A 236 -42.28 31.64 -22.39
CA GLY A 236 -42.38 33.09 -22.37
C GLY A 236 -42.39 33.69 -23.77
N LEU A 237 -42.01 32.92 -24.78
CA LEU A 237 -41.97 33.41 -26.15
C LEU A 237 -43.12 32.92 -27.03
N PHE A 238 -43.49 31.66 -26.87
CA PHE A 238 -44.53 31.07 -27.70
C PHE A 238 -45.80 30.63 -27.00
N ALA A 239 -45.76 30.39 -25.69
CA ALA A 239 -46.96 29.93 -25.00
C ALA A 239 -48.02 30.99 -24.71
N LYS A 240 -49.08 30.55 -24.02
CA LYS A 240 -50.22 31.38 -23.62
C LYS A 240 -50.77 32.33 -24.68
N GLY A 241 -50.74 31.89 -25.94
CA GLY A 241 -51.25 32.69 -27.03
C GLY A 241 -50.30 33.75 -27.58
N ARG A 242 -49.15 33.92 -26.91
CA ARG A 242 -48.15 34.90 -27.29
C ARG A 242 -47.68 34.75 -28.73
N ASP A 243 -47.08 35.81 -29.26
CA ASP A 243 -46.52 35.83 -30.60
C ASP A 243 -45.00 35.68 -30.52
N ALA A 244 -44.49 34.53 -30.93
CA ALA A 244 -43.06 34.22 -30.90
C ALA A 244 -42.21 35.29 -31.54
N LYS A 245 -42.66 35.77 -32.70
CA LYS A 245 -41.95 36.80 -33.44
C LYS A 245 -41.77 38.09 -32.62
N VAL A 246 -42.85 38.53 -31.96
CA VAL A 246 -42.84 39.75 -31.14
C VAL A 246 -42.08 39.57 -29.85
N GLU A 247 -42.31 38.45 -29.19
CA GLU A 247 -41.64 38.12 -27.95
C GLU A 247 -40.13 37.97 -28.20
N GLY A 248 -39.80 37.37 -29.35
CA GLY A 248 -38.41 37.16 -29.72
C GLY A 248 -37.63 38.47 -29.73
N GLU A 249 -38.17 39.46 -30.45
CA GLU A 249 -37.55 40.78 -30.53
C GLU A 249 -37.58 41.46 -29.16
N ARG A 250 -38.66 41.21 -28.41
CA ARG A 250 -38.85 41.78 -27.09
C ARG A 250 -37.75 41.31 -26.14
N TYR A 251 -37.72 40.01 -25.88
CA TYR A 251 -36.72 39.44 -24.99
C TYR A 251 -35.30 39.66 -25.48
N ARG A 252 -35.08 39.50 -26.78
CA ARG A 252 -33.75 39.67 -27.32
C ARG A 252 -33.20 41.05 -26.98
N LYS A 253 -34.05 42.05 -27.18
CA LYS A 253 -33.73 43.45 -26.92
C LYS A 253 -33.59 43.77 -25.43
N ALA A 254 -34.43 43.17 -24.62
CA ALA A 254 -34.41 43.39 -23.16
C ALA A 254 -33.15 42.76 -22.56
N GLY A 255 -32.68 41.68 -23.21
CA GLY A 255 -31.50 40.99 -22.75
C GLY A 255 -30.24 41.71 -23.20
N TRP A 256 -30.27 42.24 -24.41
CA TRP A 256 -29.12 42.94 -24.95
C TRP A 256 -28.85 44.27 -24.21
N GLU A 257 -29.92 44.97 -23.84
CA GLU A 257 -29.75 46.23 -23.13
C GLU A 257 -29.31 46.01 -21.66
N ALA A 258 -29.72 44.88 -21.10
CA ALA A 258 -29.36 44.51 -19.72
C ALA A 258 -27.89 44.10 -19.70
N TYR A 259 -27.37 43.75 -20.87
CA TYR A 259 -25.98 43.34 -21.03
C TYR A 259 -25.12 44.60 -21.15
N LEU A 260 -25.53 45.49 -22.06
CA LEU A 260 -24.82 46.74 -22.29
C LEU A 260 -24.75 47.58 -21.02
N ARG A 261 -25.70 47.33 -20.12
CA ARG A 261 -25.80 48.03 -18.85
C ARG A 261 -24.79 47.43 -17.85
N ARG A 262 -24.64 46.12 -17.88
CA ARG A 262 -23.71 45.45 -16.97
C ARG A 262 -22.25 45.67 -17.41
N CYS A 263 -22.06 45.96 -18.69
CA CYS A 263 -20.72 46.22 -19.21
C CYS A 263 -20.27 47.65 -18.88
N GLY A 264 -21.23 48.48 -18.46
CA GLY A 264 -20.93 49.85 -18.06
C GLY A 264 -20.50 49.79 -16.60
N GLN A 265 -20.68 48.60 -16.01
CA GLN A 265 -20.31 48.34 -14.63
C GLN A 265 -18.79 48.36 -14.48
N GLN A 266 -18.34 48.71 -13.28
CA GLN A 266 -16.93 48.79 -12.93
C GLN A 266 -16.87 48.57 -11.42
N ASP A 267 -17.73 47.66 -10.97
CA ASP A 267 -17.90 47.27 -9.56
C ASP A 267 -18.68 48.34 -8.78
N MET B 1 -32.24 -6.25 11.48
CA MET B 1 -32.10 -5.41 10.26
C MET B 1 -32.63 -6.15 9.05
N HIS B 2 -32.45 -7.47 9.03
CA HIS B 2 -32.92 -8.30 7.93
C HIS B 2 -34.42 -8.07 7.68
N LYS B 3 -34.81 -8.01 6.41
CA LYS B 3 -36.19 -7.75 6.02
C LYS B 3 -37.11 -8.98 5.99
N ALA B 4 -38.41 -8.72 5.80
CA ALA B 4 -39.45 -9.74 5.72
C ALA B 4 -39.37 -10.37 4.33
N THR B 5 -39.74 -11.63 4.21
CA THR B 5 -39.65 -12.27 2.90
C THR B 5 -40.39 -11.47 1.83
N TYR B 6 -40.18 -11.85 0.58
CA TYR B 6 -40.82 -11.17 -0.53
C TYR B 6 -42.31 -11.49 -0.52
N LYS B 7 -42.67 -12.73 -0.21
CA LYS B 7 -44.07 -13.13 -0.18
C LYS B 7 -44.84 -12.27 0.81
N GLU B 8 -44.18 -11.87 1.89
CA GLU B 8 -44.81 -11.05 2.91
C GLU B 8 -44.98 -9.60 2.47
N ARG B 9 -43.89 -9.00 2.01
CA ARG B 9 -43.95 -7.60 1.60
C ARG B 9 -44.91 -7.40 0.44
N ALA B 10 -45.29 -8.51 -0.21
CA ALA B 10 -46.21 -8.43 -1.33
C ALA B 10 -47.60 -8.11 -0.81
N ALA B 11 -47.97 -8.73 0.30
CA ALA B 11 -49.29 -8.52 0.87
C ALA B 11 -49.24 -7.32 1.80
N THR B 12 -48.06 -6.71 1.94
CA THR B 12 -47.85 -5.58 2.83
C THR B 12 -47.67 -4.29 2.07
N HIS B 13 -47.04 -4.35 0.92
CA HIS B 13 -46.75 -3.14 0.18
C HIS B 13 -47.97 -2.41 -0.35
N PRO B 14 -48.01 -1.08 -0.15
CA PRO B 14 -49.09 -0.19 -0.59
C PRO B 14 -49.23 -0.08 -2.11
N SER B 15 -48.11 -0.24 -2.81
CA SER B 15 -48.06 -0.16 -4.28
C SER B 15 -48.36 -1.46 -5.00
N PRO B 16 -49.30 -1.41 -5.95
CA PRO B 16 -49.68 -2.61 -6.71
C PRO B 16 -48.53 -3.18 -7.53
N VAL B 17 -47.65 -2.32 -8.07
CA VAL B 17 -46.51 -2.81 -8.86
C VAL B 17 -45.44 -3.47 -7.98
N ALA B 18 -45.09 -2.84 -6.86
CA ALA B 18 -44.11 -3.41 -5.95
C ALA B 18 -44.60 -4.78 -5.45
N ALA B 19 -45.89 -4.85 -5.13
CA ALA B 19 -46.51 -6.08 -4.64
C ALA B 19 -46.39 -7.17 -5.70
N LYS B 20 -46.82 -6.88 -6.93
CA LYS B 20 -46.74 -7.85 -8.02
C LYS B 20 -45.31 -8.31 -8.16
N LEU B 21 -44.36 -7.37 -8.24
CA LEU B 21 -42.94 -7.69 -8.38
C LEU B 21 -42.47 -8.64 -7.28
N PHE B 22 -42.83 -8.33 -6.04
CA PHE B 22 -42.49 -9.19 -4.91
C PHE B 22 -43.07 -10.59 -5.12
N ASN B 23 -44.26 -10.67 -5.73
CA ASN B 23 -44.91 -11.96 -5.98
C ASN B 23 -44.11 -12.69 -7.04
N ILE B 24 -43.72 -11.97 -8.09
CA ILE B 24 -42.95 -12.55 -9.16
C ILE B 24 -41.68 -13.17 -8.58
N MET B 25 -40.99 -12.39 -7.74
CA MET B 25 -39.76 -12.85 -7.12
C MET B 25 -39.97 -14.13 -6.34
N HIS B 26 -41.08 -14.20 -5.62
CA HIS B 26 -41.41 -15.38 -4.85
C HIS B 26 -41.79 -16.53 -5.80
N GLU B 27 -42.70 -16.26 -6.73
CA GLU B 27 -43.17 -17.26 -7.69
C GLU B 27 -42.02 -17.98 -8.38
N LYS B 28 -41.11 -17.20 -8.95
CA LYS B 28 -39.99 -17.71 -9.72
C LYS B 28 -38.66 -17.83 -9.00
N GLN B 29 -38.61 -17.40 -7.74
CA GLN B 29 -37.38 -17.48 -6.97
C GLN B 29 -36.27 -16.71 -7.66
N THR B 30 -36.51 -15.42 -7.88
CA THR B 30 -35.53 -14.55 -8.49
C THR B 30 -35.63 -13.13 -7.97
N ASN B 31 -34.48 -12.48 -7.85
CA ASN B 31 -34.40 -11.10 -7.43
C ASN B 31 -33.43 -10.50 -8.45
N LEU B 32 -33.31 -11.20 -9.58
CA LEU B 32 -32.44 -10.80 -10.67
C LEU B 32 -33.17 -9.96 -11.73
N CYS B 33 -32.67 -8.76 -11.92
CA CYS B 33 -33.21 -7.87 -12.93
C CYS B 33 -32.17 -7.93 -14.06
N ALA B 34 -32.61 -8.11 -15.30
CA ALA B 34 -31.69 -8.15 -16.42
C ALA B 34 -31.66 -6.79 -17.11
N SER B 35 -30.46 -6.26 -17.32
CA SER B 35 -30.28 -4.97 -17.97
C SER B 35 -29.58 -5.23 -19.31
N LEU B 36 -30.34 -5.77 -20.26
CA LEU B 36 -29.81 -6.11 -21.57
C LEU B 36 -29.64 -4.89 -22.47
N ASP B 37 -28.56 -4.15 -22.25
CA ASP B 37 -28.29 -2.95 -23.00
C ASP B 37 -27.61 -3.18 -24.35
N VAL B 38 -28.41 -3.56 -25.34
CA VAL B 38 -27.92 -3.78 -26.70
C VAL B 38 -28.56 -2.71 -27.59
N ARG B 39 -27.90 -2.41 -28.71
CA ARG B 39 -28.38 -1.38 -29.64
C ARG B 39 -29.46 -1.71 -30.68
N THR B 40 -29.85 -2.99 -30.82
CA THR B 40 -30.90 -3.35 -31.78
C THR B 40 -32.04 -4.11 -31.11
N THR B 41 -33.27 -3.87 -31.59
CA THR B 41 -34.41 -4.56 -31.02
C THR B 41 -34.29 -6.07 -31.23
N LYS B 42 -33.70 -6.46 -32.36
CA LYS B 42 -33.52 -7.87 -32.67
C LYS B 42 -32.87 -8.64 -31.51
N GLU B 43 -31.62 -8.31 -31.20
CA GLU B 43 -30.95 -9.01 -30.12
C GLU B 43 -31.55 -8.73 -28.76
N LEU B 44 -32.08 -7.52 -28.53
CA LEU B 44 -32.67 -7.22 -27.23
C LEU B 44 -33.71 -8.27 -26.94
N LEU B 45 -34.61 -8.46 -27.92
CA LEU B 45 -35.68 -9.44 -27.80
C LEU B 45 -35.17 -10.89 -27.72
N GLU B 46 -34.02 -11.17 -28.33
CA GLU B 46 -33.43 -12.50 -28.28
C GLU B 46 -32.91 -12.75 -26.88
N LEU B 47 -32.25 -11.74 -26.31
CA LEU B 47 -31.71 -11.83 -24.97
C LEU B 47 -32.86 -11.96 -23.95
N VAL B 48 -33.93 -11.18 -24.14
CA VAL B 48 -35.09 -11.24 -23.24
C VAL B 48 -35.73 -12.61 -23.28
N GLU B 49 -35.87 -13.15 -24.48
CA GLU B 49 -36.45 -14.47 -24.68
C GLU B 49 -35.68 -15.46 -23.82
N ALA B 50 -34.36 -15.37 -23.85
CA ALA B 50 -33.48 -16.27 -23.10
C ALA B 50 -33.53 -16.08 -21.58
N LEU B 51 -33.54 -14.83 -21.14
CA LEU B 51 -33.60 -14.50 -19.72
C LEU B 51 -35.03 -14.56 -19.16
N GLY B 52 -36.00 -14.32 -20.02
CA GLY B 52 -37.39 -14.32 -19.62
C GLY B 52 -37.79 -15.07 -18.37
N PRO B 53 -37.52 -16.39 -18.28
CA PRO B 53 -37.89 -17.18 -17.10
C PRO B 53 -37.03 -17.09 -15.82
N LYS B 54 -35.89 -16.40 -15.90
CA LYS B 54 -34.99 -16.26 -14.76
C LYS B 54 -34.97 -14.86 -14.14
N ILE B 55 -35.71 -13.92 -14.72
CA ILE B 55 -35.72 -12.55 -14.23
C ILE B 55 -37.09 -12.15 -13.70
N CYS B 56 -37.11 -11.23 -12.73
CA CYS B 56 -38.39 -10.76 -12.17
C CYS B 56 -38.66 -9.37 -12.75
N LEU B 57 -37.65 -8.81 -13.38
CA LEU B 57 -37.77 -7.48 -13.94
C LEU B 57 -36.79 -7.32 -15.10
N LEU B 58 -37.17 -6.49 -16.07
CA LEU B 58 -36.31 -6.20 -17.19
C LEU B 58 -36.14 -4.70 -17.23
N LYS B 59 -34.91 -4.23 -17.00
CA LYS B 59 -34.61 -2.81 -17.01
C LYS B 59 -34.15 -2.47 -18.41
N THR B 60 -34.77 -1.46 -19.01
CA THR B 60 -34.42 -1.11 -20.37
C THR B 60 -33.88 0.27 -20.58
N HIS B 61 -33.30 0.45 -21.75
CA HIS B 61 -32.75 1.71 -22.17
C HIS B 61 -33.14 1.76 -23.62
N VAL B 62 -34.38 2.15 -23.89
CA VAL B 62 -34.86 2.19 -25.27
C VAL B 62 -34.19 3.27 -26.11
N ASP B 63 -33.62 4.30 -25.46
CA ASP B 63 -32.97 5.39 -26.21
C ASP B 63 -31.53 5.07 -26.62
N ILE B 64 -31.18 3.80 -26.47
CA ILE B 64 -29.87 3.28 -26.80
C ILE B 64 -30.10 2.42 -28.07
N LEU B 65 -31.38 2.13 -28.33
CA LEU B 65 -31.83 1.31 -29.46
C LEU B 65 -31.79 2.06 -30.78
N THR B 66 -31.08 1.50 -31.74
CA THR B 66 -30.95 2.10 -33.06
C THR B 66 -32.24 1.96 -33.87
N ASP B 67 -33.04 0.95 -33.56
CA ASP B 67 -34.26 0.72 -34.31
C ASP B 67 -35.51 0.61 -33.46
N PHE B 68 -35.74 1.57 -32.57
CA PHE B 68 -36.92 1.53 -31.73
C PHE B 68 -38.19 1.82 -32.51
N SER B 69 -39.27 1.17 -32.09
CA SER B 69 -40.60 1.35 -32.69
C SER B 69 -41.60 0.80 -31.68
N MET B 70 -42.77 1.42 -31.58
CA MET B 70 -43.80 0.95 -30.65
C MET B 70 -44.21 -0.49 -31.00
N GLU B 71 -44.42 -0.72 -32.30
CA GLU B 71 -44.84 -2.02 -32.83
C GLU B 71 -43.77 -3.11 -32.78
N GLY B 72 -42.54 -2.75 -33.14
CA GLY B 72 -41.45 -3.71 -33.17
C GLY B 72 -40.69 -3.88 -31.88
N THR B 73 -40.71 -2.88 -31.02
CA THR B 73 -39.97 -2.95 -29.76
C THR B 73 -40.87 -3.19 -28.55
N VAL B 74 -41.82 -2.28 -28.33
CA VAL B 74 -42.72 -2.35 -27.19
C VAL B 74 -43.73 -3.48 -27.22
N LYS B 75 -44.46 -3.62 -28.32
CA LYS B 75 -45.47 -4.66 -28.41
C LYS B 75 -44.88 -6.05 -28.09
N PRO B 76 -43.71 -6.39 -28.68
CA PRO B 76 -43.05 -7.68 -28.44
C PRO B 76 -42.54 -7.84 -27.00
N LEU B 77 -42.07 -6.73 -26.44
CA LEU B 77 -41.57 -6.70 -25.07
C LEU B 77 -42.71 -6.96 -24.12
N LYS B 78 -43.82 -6.25 -24.34
CA LYS B 78 -45.00 -6.42 -23.49
C LYS B 78 -45.43 -7.89 -23.51
N ALA B 79 -45.35 -8.50 -24.68
CA ALA B 79 -45.74 -9.90 -24.82
C ALA B 79 -44.76 -10.78 -24.03
N LEU B 80 -43.48 -10.52 -24.19
CA LEU B 80 -42.46 -11.29 -23.50
C LEU B 80 -42.68 -11.19 -22.00
N SER B 81 -43.03 -9.98 -21.57
CA SER B 81 -43.29 -9.67 -20.16
C SER B 81 -44.45 -10.54 -19.65
N ALA B 82 -45.50 -10.59 -20.44
CA ALA B 82 -46.70 -11.37 -20.12
C ALA B 82 -46.45 -12.87 -20.21
N LYS B 83 -45.63 -13.27 -21.18
CA LYS B 83 -45.35 -14.69 -21.37
C LYS B 83 -44.44 -15.25 -20.27
N TYR B 84 -43.32 -14.58 -20.00
CA TYR B 84 -42.38 -15.07 -19.00
C TYR B 84 -42.60 -14.52 -17.60
N ASN B 85 -43.56 -13.61 -17.48
CA ASN B 85 -43.94 -13.03 -16.19
C ASN B 85 -42.87 -12.24 -15.44
N PHE B 86 -42.64 -11.01 -15.90
CA PHE B 86 -41.69 -10.11 -15.28
C PHE B 86 -42.18 -8.69 -15.61
N LEU B 87 -41.69 -7.69 -14.89
CA LEU B 87 -42.12 -6.33 -15.12
C LEU B 87 -41.15 -5.58 -16.02
N LEU B 88 -41.61 -4.44 -16.56
CA LEU B 88 -40.80 -3.62 -17.45
C LEU B 88 -40.40 -2.32 -16.79
N PHE B 89 -39.10 -2.11 -16.72
CA PHE B 89 -38.52 -0.96 -16.08
C PHE B 89 -37.63 -0.15 -17.07
N GLU B 90 -38.16 0.99 -17.50
CA GLU B 90 -37.41 1.84 -18.42
C GLU B 90 -36.53 2.77 -17.59
N ASP B 91 -35.22 2.52 -17.64
CA ASP B 91 -34.25 3.28 -16.89
C ASP B 91 -33.95 4.58 -17.63
N ARG B 92 -34.92 5.48 -17.66
CA ARG B 92 -34.74 6.75 -18.37
C ARG B 92 -34.08 7.84 -17.51
N LYS B 93 -34.18 7.69 -16.19
CA LYS B 93 -33.58 8.64 -15.25
C LYS B 93 -33.99 10.07 -15.56
N PHE B 94 -35.29 10.34 -15.49
CA PHE B 94 -35.77 11.67 -15.76
C PHE B 94 -35.08 12.63 -14.84
N ALA B 95 -34.70 13.79 -15.36
CA ALA B 95 -34.02 14.80 -14.58
C ALA B 95 -34.18 16.18 -15.19
N ASP B 96 -35.40 16.70 -15.22
CA ASP B 96 -35.67 18.03 -15.77
C ASP B 96 -36.89 18.62 -15.02
N ILE B 97 -37.33 19.83 -15.39
CA ILE B 97 -38.49 20.46 -14.76
C ILE B 97 -39.64 19.46 -14.80
N GLY B 98 -40.62 19.66 -13.94
CA GLY B 98 -41.74 18.77 -13.94
C GLY B 98 -42.49 18.86 -15.25
N ASN B 99 -42.48 20.03 -15.90
CA ASN B 99 -43.19 20.21 -17.19
C ASN B 99 -42.45 19.49 -18.33
N THR B 100 -41.14 19.57 -18.32
CA THR B 100 -40.35 18.92 -19.35
C THR B 100 -40.43 17.40 -19.21
N VAL B 101 -40.25 16.90 -17.99
CA VAL B 101 -40.29 15.46 -17.74
C VAL B 101 -41.67 14.88 -17.99
N LYS B 102 -42.69 15.70 -17.82
CA LYS B 102 -44.09 15.27 -18.05
C LYS B 102 -44.28 14.89 -19.52
N LEU B 103 -43.66 15.67 -20.39
CA LEU B 103 -43.75 15.45 -21.82
C LEU B 103 -42.84 14.30 -22.29
N GLN B 104 -41.62 14.25 -21.75
CA GLN B 104 -40.65 13.23 -22.11
C GLN B 104 -41.09 11.83 -21.67
N TYR B 105 -41.90 11.79 -20.62
CA TYR B 105 -42.39 10.55 -20.04
C TYR B 105 -43.67 9.98 -20.65
N SER B 106 -44.66 10.84 -20.86
CA SER B 106 -45.94 10.40 -21.42
C SER B 106 -46.02 10.32 -22.94
N ALA B 107 -45.24 11.13 -23.64
CA ALA B 107 -45.31 11.12 -25.09
C ALA B 107 -43.98 10.90 -25.80
N GLY B 108 -43.65 11.86 -26.68
CA GLY B 108 -42.43 11.78 -27.45
C GLY B 108 -42.58 10.62 -28.40
N VAL B 109 -41.47 9.96 -28.67
CA VAL B 109 -41.41 8.81 -29.56
C VAL B 109 -41.53 7.48 -28.80
N TYR B 110 -40.89 7.40 -27.64
CA TYR B 110 -40.90 6.18 -26.85
C TYR B 110 -42.21 5.95 -26.10
N ARG B 111 -42.89 7.03 -25.70
CA ARG B 111 -44.15 6.91 -24.97
C ARG B 111 -44.01 5.94 -23.79
N ILE B 112 -42.95 6.15 -23.02
CA ILE B 112 -42.59 5.34 -21.87
C ILE B 112 -43.68 5.11 -20.83
N ALA B 113 -44.49 6.13 -20.56
CA ALA B 113 -45.54 6.00 -19.57
C ALA B 113 -46.65 5.04 -20.00
N GLU B 114 -46.63 4.62 -21.25
CA GLU B 114 -47.66 3.72 -21.73
C GLU B 114 -47.39 2.24 -21.53
N TRP B 115 -46.11 1.86 -21.49
CA TRP B 115 -45.78 0.46 -21.32
C TRP B 115 -44.91 0.10 -20.13
N ALA B 116 -44.09 1.04 -19.68
CA ALA B 116 -43.19 0.81 -18.55
C ALA B 116 -43.93 0.72 -17.22
N ASP B 117 -43.82 -0.41 -16.55
CA ASP B 117 -44.45 -0.58 -15.26
C ASP B 117 -43.71 0.29 -14.24
N ILE B 118 -42.41 0.45 -14.46
CA ILE B 118 -41.58 1.23 -13.55
C ILE B 118 -40.61 2.13 -14.32
N THR B 119 -40.20 3.22 -13.67
CA THR B 119 -39.22 4.16 -14.22
C THR B 119 -38.54 4.83 -13.03
N ASN B 120 -37.69 5.82 -13.32
CA ASN B 120 -36.96 6.48 -12.26
C ASN B 120 -36.59 7.91 -12.56
N ALA B 121 -36.18 8.63 -11.52
CA ALA B 121 -35.82 10.01 -11.66
C ALA B 121 -34.64 10.32 -10.75
N HIS B 122 -33.93 11.39 -11.07
CA HIS B 122 -32.80 11.85 -10.26
C HIS B 122 -33.42 12.82 -9.27
N GLY B 123 -32.91 12.83 -8.04
CA GLY B 123 -33.45 13.74 -7.04
C GLY B 123 -33.11 15.21 -7.25
N VAL B 124 -32.13 15.48 -8.13
CA VAL B 124 -31.66 16.84 -8.41
C VAL B 124 -32.72 17.90 -8.64
N VAL B 125 -33.68 17.61 -9.51
CA VAL B 125 -34.73 18.56 -9.87
C VAL B 125 -35.59 19.04 -8.71
N GLY B 126 -35.82 18.21 -7.71
CA GLY B 126 -36.67 18.61 -6.62
C GLY B 126 -37.88 17.70 -6.57
N PRO B 127 -38.81 17.89 -5.61
CA PRO B 127 -40.00 17.04 -5.50
C PRO B 127 -40.93 17.17 -6.69
N GLY B 128 -40.86 18.31 -7.37
CA GLY B 128 -41.72 18.55 -8.52
C GLY B 128 -41.59 17.55 -9.65
N ILE B 129 -40.63 16.64 -9.54
CA ILE B 129 -40.45 15.64 -10.58
C ILE B 129 -41.39 14.47 -10.34
N VAL B 130 -41.50 14.07 -9.09
CA VAL B 130 -42.36 12.95 -8.74
C VAL B 130 -43.79 13.24 -9.15
N SER B 131 -44.20 14.49 -8.99
CA SER B 131 -45.56 14.87 -9.33
C SER B 131 -45.71 15.05 -10.85
N GLY B 132 -44.65 15.55 -11.49
CA GLY B 132 -44.68 15.72 -12.93
C GLY B 132 -44.78 14.37 -13.63
N LEU B 133 -44.07 13.38 -13.10
CA LEU B 133 -44.11 12.05 -13.69
C LEU B 133 -45.40 11.32 -13.31
N LYS B 134 -45.85 11.50 -12.06
CA LYS B 134 -47.07 10.86 -11.57
C LYS B 134 -48.27 11.30 -12.40
N GLN B 135 -48.33 12.60 -12.65
CA GLN B 135 -49.41 13.19 -13.41
C GLN B 135 -49.32 12.76 -14.86
N ALA B 136 -48.11 12.76 -15.40
CA ALA B 136 -47.91 12.36 -16.79
C ALA B 136 -48.43 10.95 -16.99
N ALA B 137 -48.17 10.10 -16.01
CA ALA B 137 -48.60 8.71 -16.04
C ALA B 137 -50.11 8.56 -16.01
N GLU B 138 -50.75 9.24 -15.06
CA GLU B 138 -52.19 9.15 -14.94
C GLU B 138 -52.98 9.90 -16.00
N GLU B 139 -52.27 10.64 -16.85
CA GLU B 139 -52.92 11.34 -17.94
C GLU B 139 -52.94 10.46 -19.19
N VAL B 140 -52.12 9.41 -19.22
CA VAL B 140 -52.08 8.54 -20.39
C VAL B 140 -52.43 7.08 -20.15
N THR B 141 -52.53 6.69 -18.89
CA THR B 141 -52.86 5.30 -18.59
C THR B 141 -53.57 5.15 -17.27
N LYS B 142 -54.36 4.09 -17.18
CA LYS B 142 -55.10 3.77 -15.96
C LYS B 142 -54.34 2.67 -15.24
N GLU B 143 -53.33 2.14 -15.92
CA GLU B 143 -52.47 1.08 -15.40
C GLU B 143 -51.57 1.61 -14.26
N PRO B 144 -51.21 0.72 -13.31
CA PRO B 144 -50.37 1.10 -12.18
C PRO B 144 -48.93 1.41 -12.61
N ARG B 145 -48.39 2.51 -12.12
CA ARG B 145 -47.02 2.88 -12.45
C ARG B 145 -46.28 3.03 -11.14
N GLY B 146 -44.96 2.84 -11.19
CA GLY B 146 -44.14 2.95 -9.99
C GLY B 146 -42.88 3.69 -10.31
N LEU B 147 -42.42 4.51 -9.36
CA LEU B 147 -41.22 5.32 -9.54
C LEU B 147 -40.11 4.97 -8.53
N LEU B 148 -38.89 4.84 -9.04
CA LEU B 148 -37.73 4.56 -8.21
C LEU B 148 -36.89 5.83 -8.20
N MET B 149 -36.32 6.18 -7.06
CA MET B 149 -35.49 7.37 -6.99
C MET B 149 -34.01 6.97 -6.95
N LEU B 150 -33.19 7.63 -7.77
CA LEU B 150 -31.76 7.32 -7.79
C LEU B 150 -31.05 7.95 -6.60
N ALA B 151 -30.87 7.17 -5.54
CA ALA B 151 -30.23 7.60 -4.30
C ALA B 151 -28.72 7.58 -4.41
N GLU B 152 -28.17 6.47 -4.91
CA GLU B 152 -26.74 6.33 -5.10
C GLU B 152 -26.45 5.67 -6.43
N LEU B 153 -25.30 6.01 -7.00
CA LEU B 153 -24.86 5.46 -8.27
C LEU B 153 -23.77 4.42 -7.98
N SER B 154 -23.18 3.79 -8.99
CA SER B 154 -22.12 2.78 -8.72
C SER B 154 -20.82 3.09 -9.45
N CYS B 155 -20.87 4.13 -10.28
CA CYS B 155 -19.72 4.56 -11.06
C CYS B 155 -18.78 5.45 -10.27
N LYS B 156 -17.53 5.47 -10.72
CA LYS B 156 -16.48 6.24 -10.10
C LYS B 156 -16.75 7.73 -10.14
N GLY B 157 -16.79 8.34 -8.96
CA GLY B 157 -17.01 9.77 -8.87
C GLY B 157 -18.44 10.22 -8.66
N SER B 158 -19.35 9.33 -8.30
CA SER B 158 -20.73 9.74 -8.10
C SER B 158 -20.94 10.85 -7.07
N LEU B 159 -21.76 11.83 -7.43
CA LEU B 159 -22.07 12.93 -6.54
C LEU B 159 -23.34 12.66 -5.74
N SER B 160 -23.84 11.42 -5.81
CA SER B 160 -25.02 11.03 -5.03
C SER B 160 -24.50 10.69 -3.64
N THR B 161 -23.88 11.68 -3.01
CA THR B 161 -23.29 11.53 -1.69
C THR B 161 -24.19 12.04 -0.58
N GLY B 162 -23.98 11.48 0.61
CA GLY B 162 -24.73 11.84 1.80
C GLY B 162 -25.85 12.86 1.71
N GLU B 163 -25.51 14.14 1.56
CA GLU B 163 -26.50 15.21 1.47
C GLU B 163 -27.49 15.08 0.33
N TYR B 164 -26.97 14.95 -0.88
CA TYR B 164 -27.83 14.79 -2.05
C TYR B 164 -28.68 13.52 -1.89
N THR B 165 -28.06 12.45 -1.36
CA THR B 165 -28.74 11.18 -1.12
C THR B 165 -29.92 11.38 -0.17
N LYS B 166 -29.76 12.33 0.74
CA LYS B 166 -30.78 12.66 1.72
C LYS B 166 -31.95 13.35 1.03
N GLY B 167 -31.67 14.47 0.37
CA GLY B 167 -32.69 15.21 -0.33
C GLY B 167 -33.52 14.35 -1.27
N THR B 168 -32.88 13.33 -1.84
CA THR B 168 -33.55 12.40 -2.76
C THR B 168 -34.45 11.44 -2.00
N VAL B 169 -33.94 10.88 -0.91
CA VAL B 169 -34.69 9.96 -0.07
C VAL B 169 -35.92 10.69 0.45
N ASP B 170 -35.81 12.00 0.54
CA ASP B 170 -36.91 12.83 1.01
C ASP B 170 -37.99 12.93 -0.04
N ILE B 171 -37.59 13.07 -1.31
CA ILE B 171 -38.55 13.18 -2.39
C ILE B 171 -39.39 11.89 -2.54
N ALA B 172 -38.84 10.78 -2.07
CA ALA B 172 -39.53 9.49 -2.14
C ALA B 172 -40.60 9.31 -1.08
N LYS B 173 -40.45 10.03 0.02
CA LYS B 173 -41.40 9.98 1.14
C LYS B 173 -42.70 10.72 0.79
N SER B 174 -42.66 11.50 -0.29
CA SER B 174 -43.79 12.30 -0.76
C SER B 174 -44.97 11.50 -1.28
N ASP B 175 -44.73 10.27 -1.72
CA ASP B 175 -45.79 9.44 -2.26
C ASP B 175 -45.40 7.99 -2.03
N LYS B 176 -46.05 7.35 -1.06
CA LYS B 176 -45.76 5.96 -0.72
C LYS B 176 -46.38 5.00 -1.73
N ASP B 177 -47.43 5.47 -2.40
CA ASP B 177 -48.15 4.66 -3.38
C ASP B 177 -47.47 4.61 -4.73
N PHE B 178 -46.79 5.70 -5.08
CA PHE B 178 -46.11 5.82 -6.37
C PHE B 178 -44.62 5.45 -6.28
N VAL B 179 -43.93 6.00 -5.29
CA VAL B 179 -42.50 5.70 -5.15
C VAL B 179 -42.36 4.38 -4.44
N ILE B 180 -41.86 3.41 -5.20
CA ILE B 180 -41.64 2.03 -4.77
C ILE B 180 -40.35 1.83 -3.96
N GLY B 181 -39.36 2.68 -4.20
CA GLY B 181 -38.10 2.54 -3.49
C GLY B 181 -36.97 3.29 -4.17
N PHE B 182 -35.78 2.71 -4.17
CA PHE B 182 -34.63 3.39 -4.77
C PHE B 182 -33.70 2.51 -5.59
N ILE B 183 -32.90 3.19 -6.40
CA ILE B 183 -31.83 2.54 -7.13
C ILE B 183 -30.71 3.03 -6.22
N ALA B 184 -30.21 2.15 -5.37
CA ALA B 184 -29.17 2.53 -4.42
C ALA B 184 -28.23 1.35 -4.22
N GLN B 185 -27.10 1.62 -3.60
CA GLN B 185 -26.09 0.61 -3.36
C GLN B 185 -26.28 -0.07 -2.02
N ARG B 186 -27.08 0.54 -1.18
CA ARG B 186 -27.30 -0.01 0.14
C ARG B 186 -28.70 0.27 0.63
N ASP B 187 -29.08 -0.41 1.71
CA ASP B 187 -30.39 -0.22 2.32
C ASP B 187 -30.55 1.28 2.56
N MET B 188 -31.76 1.81 2.40
CA MET B 188 -32.00 3.25 2.61
C MET B 188 -32.96 3.50 3.79
N GLY B 189 -33.08 2.49 4.65
CA GLY B 189 -33.93 2.59 5.82
C GLY B 189 -35.36 2.91 5.46
N GLY B 190 -36.08 3.52 6.39
CA GLY B 190 -37.48 3.89 6.15
C GLY B 190 -38.49 3.01 6.86
N ARG B 191 -38.08 1.78 7.19
CA ARG B 191 -38.95 0.84 7.88
C ARG B 191 -39.66 1.53 9.04
N ASP B 192 -38.88 2.27 9.82
CA ASP B 192 -39.37 3.01 10.97
C ASP B 192 -40.55 3.94 10.62
N GLU B 193 -40.47 4.59 9.47
CA GLU B 193 -41.52 5.50 9.05
C GLU B 193 -42.62 4.83 8.22
N GLY B 194 -42.67 3.50 8.27
CA GLY B 194 -43.70 2.78 7.53
C GLY B 194 -43.46 2.71 6.03
N TYR B 195 -42.19 2.64 5.64
CA TYR B 195 -41.82 2.56 4.24
C TYR B 195 -41.16 1.21 3.95
N ASP B 196 -41.63 0.56 2.90
CA ASP B 196 -41.10 -0.74 2.47
C ASP B 196 -40.32 -0.47 1.19
N TRP B 197 -39.36 0.44 1.27
CA TRP B 197 -38.52 0.84 0.14
C TRP B 197 -37.90 -0.36 -0.59
N LEU B 198 -38.09 -0.43 -1.90
CA LEU B 198 -37.51 -1.51 -2.69
C LEU B 198 -36.11 -1.04 -3.09
N ILE B 199 -35.10 -1.86 -2.79
CA ILE B 199 -33.71 -1.50 -3.12
C ILE B 199 -33.18 -2.27 -4.30
N MET B 200 -33.08 -1.61 -5.45
CA MET B 200 -32.57 -2.23 -6.66
C MET B 200 -31.19 -1.65 -6.88
N THR B 201 -30.18 -2.51 -6.97
CA THR B 201 -28.82 -2.00 -7.16
C THR B 201 -28.08 -2.58 -8.37
N PRO B 202 -27.66 -1.68 -9.29
CA PRO B 202 -26.95 -1.98 -10.53
C PRO B 202 -25.46 -2.05 -10.21
N GLY B 203 -24.63 -2.28 -11.22
CA GLY B 203 -23.21 -2.37 -10.96
C GLY B 203 -22.87 -3.61 -10.19
N VAL B 204 -23.52 -4.72 -10.56
CA VAL B 204 -23.29 -6.03 -9.93
C VAL B 204 -22.63 -6.95 -10.96
N GLY B 205 -21.64 -7.70 -10.51
CA GLY B 205 -20.95 -8.61 -11.42
C GLY B 205 -20.04 -9.55 -10.66
N LEU B 206 -20.18 -10.83 -10.98
CA LEU B 206 -19.39 -11.89 -10.38
C LEU B 206 -17.99 -12.01 -11.01
N ASP B 207 -17.85 -11.56 -12.24
CA ASP B 207 -16.56 -11.67 -12.90
C ASP B 207 -15.85 -10.35 -13.14
N ASP B 208 -16.49 -9.45 -13.89
CA ASP B 208 -15.92 -8.16 -14.22
C ASP B 208 -15.66 -7.29 -12.98
N LYS B 209 -14.62 -6.45 -13.04
CA LYS B 209 -14.31 -5.55 -11.94
C LYS B 209 -14.85 -4.20 -12.36
N GLY B 210 -15.12 -4.07 -13.66
CA GLY B 210 -15.74 -2.87 -14.17
C GLY B 210 -15.19 -1.95 -15.23
N ASP B 211 -15.27 -0.68 -14.87
CA ASP B 211 -14.83 0.50 -15.61
C ASP B 211 -14.92 0.57 -17.12
N ALA B 212 -13.79 1.06 -17.65
CA ALA B 212 -13.57 1.34 -19.04
C ALA B 212 -14.00 2.81 -19.09
N LEU B 213 -15.19 3.07 -18.55
CA LEU B 213 -15.77 4.41 -18.50
C LEU B 213 -16.37 4.83 -17.15
N GLY B 214 -15.85 4.29 -16.06
CA GLY B 214 -16.34 4.63 -14.74
C GLY B 214 -17.09 3.57 -13.94
N GLN B 215 -17.51 2.48 -14.58
CA GLN B 215 -18.23 1.42 -13.88
C GLN B 215 -17.41 0.70 -12.82
N GLN B 216 -18.09 0.16 -11.83
CA GLN B 216 -17.46 -0.59 -10.75
C GLN B 216 -18.46 -1.64 -10.32
N TYR B 217 -18.04 -2.90 -10.28
CA TYR B 217 -18.94 -3.97 -9.90
C TYR B 217 -18.70 -4.52 -8.49
N ARG B 218 -19.76 -5.04 -7.91
CA ARG B 218 -19.73 -5.62 -6.58
C ARG B 218 -20.37 -6.98 -6.75
N THR B 219 -19.88 -7.99 -6.03
CA THR B 219 -20.46 -9.32 -6.18
C THR B 219 -21.93 -9.39 -5.75
N VAL B 220 -22.61 -10.43 -6.19
CA VAL B 220 -24.00 -10.63 -5.86
C VAL B 220 -24.12 -10.76 -4.35
N ASP B 221 -23.21 -11.50 -3.74
CA ASP B 221 -23.25 -11.68 -2.31
C ASP B 221 -22.96 -10.36 -1.60
N ASP B 222 -22.02 -9.59 -2.14
CA ASP B 222 -21.67 -8.29 -1.57
C ASP B 222 -22.89 -7.36 -1.43
N VAL B 223 -23.55 -7.08 -2.55
CA VAL B 223 -24.71 -6.19 -2.53
C VAL B 223 -25.90 -6.69 -1.74
N VAL B 224 -26.25 -7.97 -1.88
CA VAL B 224 -27.39 -8.52 -1.15
C VAL B 224 -27.26 -8.31 0.36
N SER B 225 -26.13 -8.70 0.92
CA SER B 225 -25.88 -8.56 2.35
C SER B 225 -25.92 -7.10 2.75
N THR B 226 -25.88 -6.24 1.74
CA THR B 226 -25.92 -4.79 1.94
C THR B 226 -27.38 -4.33 2.00
N GLY B 227 -28.29 -5.29 1.79
CA GLY B 227 -29.69 -4.99 1.85
C GLY B 227 -30.39 -4.79 0.52
N SER B 228 -29.80 -5.32 -0.54
CA SER B 228 -30.38 -5.20 -1.87
C SER B 228 -31.47 -6.23 -2.08
N ASP B 229 -32.60 -5.79 -2.61
CA ASP B 229 -33.73 -6.65 -2.88
C ASP B 229 -33.62 -7.25 -4.27
N ILE B 230 -33.20 -6.44 -5.23
CA ILE B 230 -33.04 -6.89 -6.59
C ILE B 230 -31.63 -6.55 -7.07
N ILE B 231 -31.06 -7.41 -7.90
CA ILE B 231 -29.73 -7.17 -8.46
C ILE B 231 -29.82 -6.90 -9.98
N ILE B 232 -29.41 -5.72 -10.39
CA ILE B 232 -29.45 -5.30 -11.80
C ILE B 232 -28.13 -5.62 -12.49
N VAL B 233 -28.13 -6.68 -13.31
CA VAL B 233 -26.93 -7.13 -14.01
C VAL B 233 -27.10 -7.00 -15.52
N GLY B 234 -26.09 -6.40 -16.17
CA GLY B 234 -26.10 -6.21 -17.61
C GLY B 234 -24.99 -6.95 -18.34
N ARG B 235 -23.90 -6.25 -18.65
CA ARG B 235 -22.75 -6.85 -19.36
C ARG B 235 -22.29 -8.17 -18.73
N GLY B 236 -22.68 -8.41 -17.50
CA GLY B 236 -22.29 -9.62 -16.82
C GLY B 236 -23.11 -10.80 -17.26
N LEU B 237 -24.15 -10.56 -18.03
CA LEU B 237 -25.00 -11.64 -18.49
C LEU B 237 -24.82 -11.95 -19.98
N PHE B 238 -24.72 -10.89 -20.78
CA PHE B 238 -24.64 -11.06 -22.22
C PHE B 238 -23.34 -10.62 -22.90
N ALA B 239 -22.57 -9.78 -22.22
CA ALA B 239 -21.34 -9.28 -22.82
C ALA B 239 -20.15 -10.25 -22.81
N LYS B 240 -19.03 -9.77 -23.35
CA LYS B 240 -17.77 -10.51 -23.41
C LYS B 240 -17.82 -11.96 -23.88
N GLY B 241 -18.78 -12.27 -24.76
CA GLY B 241 -18.91 -13.62 -25.27
C GLY B 241 -19.76 -14.55 -24.42
N ARG B 242 -20.21 -14.05 -23.27
CA ARG B 242 -21.01 -14.84 -22.33
C ARG B 242 -22.32 -15.36 -22.90
N ASP B 243 -22.88 -16.37 -22.23
CA ASP B 243 -24.14 -16.98 -22.62
C ASP B 243 -25.24 -16.49 -21.68
N ALA B 244 -26.08 -15.57 -22.17
CA ALA B 244 -27.17 -15.00 -21.37
C ALA B 244 -28.01 -16.03 -20.63
N LYS B 245 -28.30 -17.14 -21.29
CA LYS B 245 -29.10 -18.21 -20.72
C LYS B 245 -28.41 -18.83 -19.50
N VAL B 246 -27.12 -19.15 -19.63
CA VAL B 246 -26.34 -19.74 -18.54
C VAL B 246 -26.06 -18.75 -17.44
N GLU B 247 -25.67 -17.54 -17.81
CA GLU B 247 -25.40 -16.48 -16.85
C GLU B 247 -26.67 -16.15 -16.07
N GLY B 248 -27.80 -16.14 -16.77
CA GLY B 248 -29.07 -15.85 -16.12
C GLY B 248 -29.41 -16.78 -14.96
N GLU B 249 -29.25 -18.08 -15.20
CA GLU B 249 -29.52 -19.09 -14.18
C GLU B 249 -28.47 -18.92 -13.08
N ARG B 250 -27.25 -18.66 -13.49
CA ARG B 250 -26.11 -18.49 -12.59
C ARG B 250 -26.38 -17.37 -11.59
N TYR B 251 -26.54 -16.14 -12.12
CA TYR B 251 -26.80 -14.95 -11.30
C TYR B 251 -28.13 -15.04 -10.54
N ARG B 252 -29.16 -15.51 -11.21
CA ARG B 252 -30.45 -15.64 -10.56
C ARG B 252 -30.32 -16.51 -9.29
N LYS B 253 -29.65 -17.64 -9.44
CA LYS B 253 -29.43 -18.57 -8.33
C LYS B 253 -28.46 -18.07 -7.26
N ALA B 254 -27.44 -17.33 -7.67
CA ALA B 254 -26.47 -16.79 -6.71
C ALA B 254 -27.11 -15.65 -5.92
N GLY B 255 -28.13 -15.02 -6.50
CA GLY B 255 -28.82 -13.93 -5.84
C GLY B 255 -29.89 -14.46 -4.90
N TRP B 256 -30.58 -15.50 -5.35
CA TRP B 256 -31.63 -16.08 -4.52
C TRP B 256 -31.06 -16.72 -3.25
N GLU B 257 -29.91 -17.37 -3.35
CA GLU B 257 -29.29 -18.00 -2.19
C GLU B 257 -28.69 -16.96 -1.23
N ALA B 258 -28.26 -15.82 -1.77
CA ALA B 258 -27.68 -14.77 -0.92
C ALA B 258 -28.83 -14.09 -0.17
N TYR B 259 -30.05 -14.30 -0.66
CA TYR B 259 -31.24 -13.73 -0.06
C TYR B 259 -31.71 -14.63 1.07
N LEU B 260 -31.85 -15.92 0.77
CA LEU B 260 -32.29 -16.90 1.75
C LEU B 260 -31.33 -16.95 2.92
N ARG B 261 -30.10 -16.50 2.67
CA ARG B 261 -29.04 -16.46 3.67
C ARG B 261 -29.19 -15.25 4.58
N ARG B 262 -29.62 -14.13 4.00
CA ARG B 262 -29.80 -12.91 4.77
C ARG B 262 -31.09 -13.00 5.60
N CYS B 263 -32.05 -13.81 5.13
CA CYS B 263 -33.30 -13.99 5.85
C CYS B 263 -33.11 -14.89 7.06
N GLY B 264 -32.00 -15.63 7.08
CA GLY B 264 -31.68 -16.49 8.20
C GLY B 264 -31.05 -15.60 9.26
N GLN B 265 -30.81 -14.35 8.86
CA GLN B 265 -30.21 -13.34 9.74
C GLN B 265 -31.21 -12.97 10.82
N GLN B 266 -30.67 -12.53 11.95
CA GLN B 266 -31.45 -12.12 13.11
C GLN B 266 -30.55 -11.14 13.86
N ASP B 267 -29.76 -10.38 13.08
CA ASP B 267 -28.80 -9.38 13.57
C ASP B 267 -27.50 -10.00 14.14
N MET C 1 13.82 4.86 41.71
CA MET C 1 14.62 4.04 40.75
C MET C 1 13.77 3.60 39.55
N HIS C 2 12.48 3.33 39.80
CA HIS C 2 11.57 2.91 38.73
C HIS C 2 11.58 3.95 37.60
N LYS C 3 11.55 3.46 36.36
CA LYS C 3 11.59 4.34 35.18
C LYS C 3 10.23 4.88 34.73
N ALA C 4 10.29 5.80 33.76
CA ALA C 4 9.10 6.43 33.16
C ALA C 4 8.45 5.42 32.23
N THR C 5 7.14 5.50 32.05
CA THR C 5 6.45 4.56 31.19
C THR C 5 7.09 4.51 29.80
N TYR C 6 6.73 3.49 29.04
CA TYR C 6 7.25 3.32 27.69
C TYR C 6 6.74 4.42 26.76
N LYS C 7 5.48 4.80 26.93
CA LYS C 7 4.88 5.85 26.11
C LYS C 7 5.62 7.17 26.29
N GLU C 8 6.17 7.38 27.48
CA GLU C 8 6.89 8.61 27.79
C GLU C 8 8.32 8.59 27.21
N ARG C 9 9.02 7.49 27.41
CA ARG C 9 10.39 7.38 26.91
C ARG C 9 10.41 7.38 25.39
N ALA C 10 9.24 7.19 24.79
CA ALA C 10 9.17 7.19 23.34
C ALA C 10 9.28 8.63 22.85
N ALA C 11 8.61 9.55 23.54
CA ALA C 11 8.64 10.96 23.19
C ALA C 11 9.89 11.65 23.75
N THR C 12 10.66 10.89 24.53
CA THR C 12 11.87 11.39 25.18
C THR C 12 13.16 10.86 24.58
N HIS C 13 13.12 9.64 24.06
CA HIS C 13 14.34 9.06 23.54
C HIS C 13 14.87 9.74 22.30
N PRO C 14 16.18 9.99 22.25
CA PRO C 14 16.87 10.65 21.14
C PRO C 14 16.93 9.81 19.85
N SER C 15 16.96 8.48 20.01
CA SER C 15 17.01 7.52 18.90
C SER C 15 15.64 7.17 18.36
N PRO C 16 15.46 7.30 17.04
CA PRO C 16 14.18 6.99 16.39
C PRO C 16 13.77 5.52 16.51
N VAL C 17 14.72 4.60 16.58
CA VAL C 17 14.38 3.18 16.72
C VAL C 17 13.93 2.86 18.16
N ALA C 18 14.63 3.39 19.15
CA ALA C 18 14.25 3.16 20.55
C ALA C 18 12.87 3.73 20.78
N ALA C 19 12.59 4.88 20.16
CA ALA C 19 11.30 5.55 20.29
C ALA C 19 10.19 4.68 19.74
N LYS C 20 10.35 4.25 18.48
CA LYS C 20 9.38 3.39 17.79
C LYS C 20 9.14 2.14 18.60
N LEU C 21 10.22 1.54 19.11
CA LEU C 21 10.12 0.31 19.90
C LEU C 21 9.28 0.57 21.14
N PHE C 22 9.57 1.68 21.82
CA PHE C 22 8.81 2.06 23.01
C PHE C 22 7.33 2.23 22.65
N ASN C 23 7.07 2.80 21.49
CA ASN C 23 5.71 2.98 21.03
C ASN C 23 5.08 1.62 20.81
N ILE C 24 5.81 0.71 20.17
CA ILE C 24 5.30 -0.63 19.90
C ILE C 24 4.91 -1.33 21.19
N MET C 25 5.80 -1.25 22.18
CA MET C 25 5.56 -1.87 23.48
C MET C 25 4.29 -1.33 24.12
N HIS C 26 4.06 -0.04 23.95
CA HIS C 26 2.87 0.59 24.48
C HIS C 26 1.65 0.20 23.64
N GLU C 27 1.77 0.35 22.32
CA GLU C 27 0.69 -0.01 21.40
C GLU C 27 0.14 -1.37 21.72
N LYS C 28 1.01 -2.36 21.70
CA LYS C 28 0.60 -3.75 21.92
C LYS C 28 0.69 -4.30 23.34
N GLN C 29 1.21 -3.52 24.27
CA GLN C 29 1.33 -3.95 25.66
C GLN C 29 2.24 -5.18 25.78
N THR C 30 3.46 -5.04 25.26
CA THR C 30 4.44 -6.11 25.29
C THR C 30 5.82 -5.55 25.46
N ASN C 31 6.65 -6.28 26.20
CA ASN C 31 8.03 -5.93 26.40
C ASN C 31 8.76 -7.23 26.16
N LEU C 32 8.09 -8.11 25.40
CA LEU C 32 8.61 -9.44 25.05
C LEU C 32 9.30 -9.48 23.68
N CYS C 33 10.54 -9.90 23.69
CA CYS C 33 11.30 -10.05 22.46
C CYS C 33 11.39 -11.56 22.26
N ALA C 34 11.07 -12.04 21.05
CA ALA C 34 11.15 -13.47 20.77
C ALA C 34 12.49 -13.79 20.10
N SER C 35 13.15 -14.83 20.61
CA SER C 35 14.42 -15.27 20.07
C SER C 35 14.25 -16.68 19.52
N LEU C 36 13.49 -16.79 18.44
CA LEU C 36 13.21 -18.04 17.79
C LEU C 36 14.44 -18.58 17.05
N ASP C 37 15.35 -19.21 17.79
CA ASP C 37 16.56 -19.74 17.22
C ASP C 37 16.39 -21.15 16.67
N VAL C 38 15.88 -21.22 15.45
CA VAL C 38 15.69 -22.48 14.76
C VAL C 38 16.67 -22.46 13.58
N ARG C 39 16.91 -23.64 13.01
CA ARG C 39 17.86 -23.76 11.90
C ARG C 39 17.36 -23.63 10.47
N THR C 40 16.06 -23.55 10.26
CA THR C 40 15.52 -23.39 8.91
C THR C 40 14.62 -22.16 8.80
N THR C 41 14.61 -21.51 7.64
CA THR C 41 13.78 -20.33 7.47
C THR C 41 12.30 -20.70 7.56
N LYS C 42 11.96 -21.89 7.07
CA LYS C 42 10.58 -22.38 7.12
C LYS C 42 10.01 -22.26 8.52
N GLU C 43 10.60 -22.95 9.51
CA GLU C 43 10.05 -22.86 10.85
C GLU C 43 10.26 -21.50 11.52
N LEU C 44 11.34 -20.80 11.18
CA LEU C 44 11.55 -19.48 11.75
C LEU C 44 10.34 -18.62 11.43
N LEU C 45 9.96 -18.59 10.15
CA LEU C 45 8.84 -17.80 9.66
C LEU C 45 7.48 -18.30 10.15
N GLU C 46 7.40 -19.57 10.54
CA GLU C 46 6.16 -20.13 11.06
C GLU C 46 6.06 -19.67 12.51
N LEU C 47 7.19 -19.67 13.21
CA LEU C 47 7.21 -19.25 14.60
C LEU C 47 6.95 -17.76 14.66
N VAL C 48 7.57 -16.99 13.79
CA VAL C 48 7.36 -15.53 13.77
C VAL C 48 5.90 -15.21 13.48
N GLU C 49 5.31 -15.93 12.53
CA GLU C 49 3.91 -15.75 12.17
C GLU C 49 3.01 -15.90 13.42
N ALA C 50 3.36 -16.86 14.27
CA ALA C 50 2.62 -17.14 15.51
C ALA C 50 2.85 -16.15 16.66
N LEU C 51 4.08 -15.67 16.80
CA LEU C 51 4.44 -14.71 17.84
C LEU C 51 4.18 -13.27 17.40
N GLY C 52 4.18 -13.04 16.09
CA GLY C 52 3.96 -11.72 15.53
C GLY C 52 3.16 -10.71 16.34
N PRO C 53 1.92 -11.02 16.72
CA PRO C 53 1.11 -10.07 17.49
C PRO C 53 1.42 -9.87 18.99
N LYS C 54 2.29 -10.71 19.55
CA LYS C 54 2.63 -10.62 20.96
C LYS C 54 4.02 -10.10 21.26
N ILE C 55 4.81 -9.84 20.22
CA ILE C 55 6.18 -9.36 20.43
C ILE C 55 6.37 -7.93 19.96
N CYS C 56 7.36 -7.26 20.56
CA CYS C 56 7.69 -5.88 20.20
C CYS C 56 9.02 -5.87 19.45
N LEU C 57 9.69 -7.02 19.46
CA LEU C 57 10.98 -7.16 18.80
C LEU C 57 11.27 -8.62 18.52
N LEU C 58 11.98 -8.89 17.43
CA LEU C 58 12.37 -10.24 17.08
C LEU C 58 13.89 -10.26 16.99
N LYS C 59 14.52 -11.03 17.88
CA LYS C 59 15.97 -11.12 17.90
C LYS C 59 16.35 -12.33 17.06
N THR C 60 17.16 -12.10 16.03
CA THR C 60 17.55 -13.17 15.13
C THR C 60 19.02 -13.58 15.15
N HIS C 61 19.25 -14.77 14.61
CA HIS C 61 20.57 -15.36 14.47
C HIS C 61 20.53 -16.01 13.12
N VAL C 62 20.68 -15.21 12.09
CA VAL C 62 20.62 -15.73 10.72
C VAL C 62 21.77 -16.69 10.36
N ASP C 63 22.91 -16.57 11.05
CA ASP C 63 24.05 -17.44 10.77
C ASP C 63 23.92 -18.82 11.40
N ILE C 64 22.72 -19.12 11.89
CA ILE C 64 22.41 -20.39 12.53
C ILE C 64 21.51 -21.11 11.53
N LEU C 65 20.97 -20.34 10.59
CA LEU C 65 20.05 -20.80 9.54
C LEU C 65 20.76 -21.59 8.45
N THR C 66 20.22 -22.77 8.16
CA THR C 66 20.81 -23.62 7.15
C THR C 66 20.46 -23.16 5.73
N ASP C 67 19.33 -22.50 5.59
CA ASP C 67 18.88 -22.04 4.29
C ASP C 67 18.62 -20.54 4.19
N PHE C 68 19.58 -19.73 4.61
CA PHE C 68 19.40 -18.28 4.54
C PHE C 68 19.51 -17.76 3.12
N SER C 69 18.67 -16.78 2.80
CA SER C 69 18.65 -16.11 1.51
C SER C 69 18.00 -14.74 1.74
N MET C 70 18.40 -13.74 0.97
CA MET C 70 17.84 -12.40 1.09
C MET C 70 16.37 -12.42 0.71
N GLU C 71 16.06 -13.17 -0.34
CA GLU C 71 14.69 -13.29 -0.84
C GLU C 71 13.78 -14.15 0.05
N GLY C 72 14.28 -15.30 0.46
CA GLY C 72 13.49 -16.21 1.26
C GLY C 72 13.48 -16.03 2.76
N THR C 73 14.47 -15.32 3.30
CA THR C 73 14.52 -15.11 4.73
C THR C 73 14.22 -13.65 5.12
N VAL C 74 14.99 -12.74 4.56
CA VAL C 74 14.85 -11.33 4.88
C VAL C 74 13.57 -10.66 4.37
N LYS C 75 13.30 -10.82 3.08
CA LYS C 75 12.11 -10.20 2.51
C LYS C 75 10.87 -10.60 3.33
N PRO C 76 10.65 -11.92 3.59
CA PRO C 76 9.51 -12.41 4.36
C PRO C 76 9.48 -11.89 5.80
N LEU C 77 10.66 -11.80 6.40
CA LEU C 77 10.78 -11.30 7.76
C LEU C 77 10.38 -9.84 7.81
N LYS C 78 10.90 -9.05 6.86
CA LYS C 78 10.59 -7.63 6.79
C LYS C 78 9.08 -7.46 6.65
N ALA C 79 8.47 -8.35 5.89
CA ALA C 79 7.03 -8.30 5.68
C ALA C 79 6.31 -8.61 6.99
N LEU C 80 6.77 -9.64 7.68
CA LEU C 80 6.17 -10.02 8.95
C LEU C 80 6.31 -8.87 9.96
N SER C 81 7.46 -8.21 9.98
CA SER C 81 7.72 -7.09 10.88
C SER C 81 6.72 -5.99 10.63
N ALA C 82 6.48 -5.71 9.36
CA ALA C 82 5.54 -4.68 8.95
C ALA C 82 4.09 -5.05 9.26
N LYS C 83 3.74 -6.31 8.99
CA LYS C 83 2.39 -6.80 9.22
C LYS C 83 2.00 -6.85 10.68
N TYR C 84 2.86 -7.46 11.49
CA TYR C 84 2.57 -7.59 12.91
C TYR C 84 3.12 -6.48 13.79
N ASN C 85 3.91 -5.60 13.20
CA ASN C 85 4.47 -4.46 13.89
C ASN C 85 5.45 -4.73 15.05
N PHE C 86 6.67 -5.09 14.69
CA PHE C 86 7.73 -5.32 15.67
C PHE C 86 9.02 -5.01 14.95
N LEU C 87 10.10 -4.77 15.69
CA LEU C 87 11.36 -4.46 15.06
C LEU C 87 12.23 -5.69 14.91
N LEU C 88 13.25 -5.60 14.07
CA LEU C 88 14.17 -6.70 13.78
C LEU C 88 15.53 -6.48 14.39
N PHE C 89 15.96 -7.41 15.22
CA PHE C 89 17.24 -7.31 15.89
C PHE C 89 18.14 -8.53 15.63
N GLU C 90 19.18 -8.33 14.82
CA GLU C 90 20.09 -9.41 14.50
C GLU C 90 21.21 -9.50 15.53
N ASP C 91 21.09 -10.49 16.40
CA ASP C 91 22.04 -10.72 17.50
C ASP C 91 23.35 -11.28 16.96
N ARG C 92 24.06 -10.48 16.17
CA ARG C 92 25.33 -10.93 15.58
C ARG C 92 26.53 -10.83 16.53
N LYS C 93 26.44 -9.92 17.52
CA LYS C 93 27.50 -9.71 18.49
C LYS C 93 28.85 -9.44 17.81
N PHE C 94 28.91 -8.37 17.03
CA PHE C 94 30.13 -8.04 16.35
C PHE C 94 31.21 -7.87 17.39
N ALA C 95 32.41 -8.35 17.07
CA ALA C 95 33.53 -8.27 17.97
C ALA C 95 34.85 -8.45 17.20
N ASP C 96 35.16 -7.49 16.34
CA ASP C 96 36.42 -7.52 15.58
C ASP C 96 36.83 -6.07 15.31
N ILE C 97 37.94 -5.88 14.59
CA ILE C 97 38.40 -4.53 14.26
C ILE C 97 37.26 -3.76 13.59
N GLY C 98 37.30 -2.44 13.66
CA GLY C 98 36.27 -1.65 13.03
C GLY C 98 36.22 -1.92 11.54
N ASN C 99 37.36 -2.25 10.95
CA ASN C 99 37.42 -2.52 9.51
C ASN C 99 36.77 -3.87 9.15
N THR C 100 36.98 -4.85 10.00
CA THR C 100 36.42 -6.16 9.78
C THR C 100 34.92 -6.13 10.01
N VAL C 101 34.49 -5.54 11.13
CA VAL C 101 33.07 -5.48 11.45
C VAL C 101 32.28 -4.63 10.47
N LYS C 102 32.93 -3.65 9.86
CA LYS C 102 32.32 -2.76 8.89
C LYS C 102 31.84 -3.58 7.70
N LEU C 103 32.68 -4.53 7.31
CA LEU C 103 32.41 -5.40 6.18
C LEU C 103 31.43 -6.51 6.54
N GLN C 104 31.59 -7.08 7.73
CA GLN C 104 30.72 -8.16 8.19
C GLN C 104 29.28 -7.68 8.38
N TYR C 105 29.15 -6.42 8.76
CA TYR C 105 27.86 -5.82 9.05
C TYR C 105 27.09 -5.25 7.84
N SER C 106 27.77 -4.56 6.94
CA SER C 106 27.09 -3.97 5.80
C SER C 106 26.98 -4.86 4.57
N ALA C 107 27.85 -5.87 4.48
CA ALA C 107 27.85 -6.73 3.31
C ALA C 107 27.80 -8.24 3.56
N GLY C 108 28.78 -8.93 3.00
CA GLY C 108 28.84 -10.36 3.14
C GLY C 108 27.63 -10.96 2.44
N VAL C 109 27.12 -12.05 3.02
CA VAL C 109 25.95 -12.77 2.52
C VAL C 109 24.67 -12.29 3.24
N TYR C 110 24.77 -12.05 4.54
CA TYR C 110 23.61 -11.64 5.32
C TYR C 110 23.19 -10.19 5.12
N ARG C 111 24.15 -9.33 4.76
CA ARG C 111 23.84 -7.91 4.54
C ARG C 111 22.95 -7.38 5.66
N ILE C 112 23.39 -7.65 6.89
CA ILE C 112 22.69 -7.27 8.11
C ILE C 112 22.34 -5.79 8.26
N ALA C 113 23.23 -4.90 7.86
CA ALA C 113 22.98 -3.47 8.00
C ALA C 113 21.83 -2.98 7.12
N GLU C 114 21.39 -3.83 6.20
CA GLU C 114 20.32 -3.44 5.30
C GLU C 114 18.90 -3.61 5.83
N TRP C 115 18.70 -4.63 6.66
CA TRP C 115 17.36 -4.92 7.16
C TRP C 115 17.19 -4.85 8.66
N ALA C 116 18.28 -5.09 9.37
CA ALA C 116 18.23 -5.09 10.83
C ALA C 116 18.07 -3.70 11.41
N ASP C 117 16.98 -3.48 12.14
CA ASP C 117 16.74 -2.20 12.78
C ASP C 117 17.77 -2.06 13.89
N ILE C 118 18.08 -3.18 14.55
CA ILE C 118 19.00 -3.17 15.68
C ILE C 118 20.01 -4.32 15.62
N THR C 119 21.21 -4.08 16.16
CA THR C 119 22.26 -5.09 16.28
C THR C 119 23.02 -4.81 17.56
N ASN C 120 24.10 -5.55 17.77
CA ASN C 120 24.87 -5.37 18.98
C ASN C 120 26.35 -5.66 18.77
N ALA C 121 27.15 -5.25 19.75
CA ALA C 121 28.58 -5.46 19.70
C ALA C 121 29.14 -5.70 21.10
N HIS C 122 30.22 -6.46 21.17
CA HIS C 122 30.89 -6.74 22.44
C HIS C 122 31.79 -5.54 22.68
N GLY C 123 32.01 -5.20 23.96
CA GLY C 123 32.84 -4.05 24.27
C GLY C 123 34.34 -4.29 24.12
N VAL C 124 34.72 -5.55 24.06
CA VAL C 124 36.12 -5.98 23.94
C VAL C 124 36.98 -5.18 22.95
N VAL C 125 36.51 -5.08 21.72
CA VAL C 125 37.24 -4.39 20.67
C VAL C 125 37.63 -2.93 20.94
N GLY C 126 36.84 -2.23 21.75
CA GLY C 126 37.14 -0.84 22.00
C GLY C 126 36.04 0.02 21.42
N PRO C 127 36.14 1.35 21.52
CA PRO C 127 35.11 2.27 20.99
C PRO C 127 35.06 2.30 19.46
N GLY C 128 36.15 1.88 18.83
CA GLY C 128 36.21 1.87 17.39
C GLY C 128 35.21 0.94 16.72
N ILE C 129 34.46 0.19 17.51
CA ILE C 129 33.48 -0.72 16.94
C ILE C 129 32.18 0.04 16.67
N VAL C 130 31.80 0.89 17.62
CA VAL C 130 30.58 1.67 17.50
C VAL C 130 30.63 2.57 16.29
N SER C 131 31.83 3.02 15.96
CA SER C 131 31.99 3.89 14.80
C SER C 131 32.04 3.05 13.53
N GLY C 132 32.69 1.89 13.63
CA GLY C 132 32.81 1.01 12.49
C GLY C 132 31.45 0.52 12.03
N LEU C 133 30.58 0.23 12.99
CA LEU C 133 29.24 -0.25 12.68
C LEU C 133 28.34 0.89 12.23
N LYS C 134 28.49 2.05 12.87
CA LYS C 134 27.68 3.24 12.54
C LYS C 134 27.91 3.70 11.10
N GLN C 135 29.17 3.68 10.71
CA GLN C 135 29.57 4.09 9.37
C GLN C 135 29.16 3.07 8.34
N ALA C 136 29.34 1.78 8.65
CA ALA C 136 28.97 0.72 7.72
C ALA C 136 27.49 0.84 7.41
N ALA C 137 26.70 1.13 8.44
CA ALA C 137 25.25 1.27 8.32
C ALA C 137 24.84 2.45 7.45
N GLU C 138 25.41 3.62 7.70
CA GLU C 138 25.08 4.81 6.92
C GLU C 138 25.65 4.78 5.50
N GLU C 139 26.55 3.83 5.22
CA GLU C 139 27.10 3.69 3.89
C GLU C 139 26.19 2.83 3.04
N VAL C 140 25.26 2.10 3.66
CA VAL C 140 24.37 1.23 2.89
C VAL C 140 22.89 1.51 3.07
N THR C 141 22.53 2.32 4.06
CA THR C 141 21.12 2.62 4.30
C THR C 141 20.90 3.97 4.91
N LYS C 142 19.78 4.58 4.53
CA LYS C 142 19.40 5.89 5.02
C LYS C 142 18.47 5.69 6.21
N GLU C 143 18.07 4.43 6.41
CA GLU C 143 17.18 4.02 7.49
C GLU C 143 17.84 4.11 8.86
N PRO C 144 17.03 4.29 9.91
CA PRO C 144 17.52 4.40 11.28
C PRO C 144 18.01 3.06 11.86
N ARG C 145 19.24 3.06 12.37
CA ARG C 145 19.85 1.87 12.97
C ARG C 145 20.08 2.14 14.45
N GLY C 146 20.05 1.07 15.25
CA GLY C 146 20.26 1.18 16.68
C GLY C 146 21.24 0.12 17.13
N LEU C 147 22.17 0.47 18.01
CA LEU C 147 23.17 -0.48 18.50
C LEU C 147 23.04 -0.74 20.00
N LEU C 148 23.12 -2.01 20.37
CA LEU C 148 23.05 -2.43 21.75
C LEU C 148 24.43 -2.95 22.13
N MET C 149 24.88 -2.64 23.34
CA MET C 149 26.18 -3.09 23.80
C MET C 149 26.02 -4.22 24.82
N LEU C 150 26.77 -5.30 24.63
CA LEU C 150 26.70 -6.44 25.53
C LEU C 150 27.49 -6.17 26.80
N ALA C 151 26.78 -5.72 27.83
CA ALA C 151 27.35 -5.39 29.14
C ALA C 151 27.53 -6.59 30.03
N GLU C 152 26.51 -7.43 30.10
CA GLU C 152 26.59 -8.64 30.91
C GLU C 152 25.92 -9.77 30.16
N LEU C 153 26.39 -10.98 30.42
CA LEU C 153 25.86 -12.18 29.79
C LEU C 153 25.08 -12.98 30.84
N SER C 154 24.36 -14.01 30.45
CA SER C 154 23.58 -14.79 31.42
C SER C 154 24.11 -16.21 31.60
N CYS C 155 25.10 -16.59 30.80
CA CYS C 155 25.66 -17.92 30.87
C CYS C 155 26.69 -18.09 31.96
N LYS C 156 26.87 -19.34 32.39
CA LYS C 156 27.80 -19.67 33.44
C LYS C 156 29.24 -19.35 33.07
N GLY C 157 29.86 -18.50 33.89
CA GLY C 157 31.25 -18.14 33.67
C GLY C 157 31.56 -16.88 32.88
N SER C 158 30.55 -16.03 32.66
CA SER C 158 30.74 -14.81 31.90
C SER C 158 31.86 -13.92 32.44
N LEU C 159 32.63 -13.34 31.51
CA LEU C 159 33.72 -12.45 31.88
C LEU C 159 33.29 -10.99 31.78
N SER C 160 32.01 -10.76 31.47
CA SER C 160 31.48 -9.40 31.38
C SER C 160 31.25 -8.93 32.81
N THR C 161 32.32 -8.93 33.59
CA THR C 161 32.27 -8.56 34.98
C THR C 161 32.68 -7.12 35.25
N GLY C 162 32.18 -6.58 36.36
CA GLY C 162 32.47 -5.22 36.77
C GLY C 162 33.32 -4.34 35.88
N GLU C 163 34.63 -4.60 35.85
CA GLU C 163 35.56 -3.82 35.04
C GLU C 163 35.21 -3.80 33.55
N TYR C 164 35.12 -4.98 32.95
CA TYR C 164 34.79 -5.10 31.52
C TYR C 164 33.40 -4.50 31.23
N THR C 165 32.46 -4.65 32.16
CA THR C 165 31.10 -4.12 32.02
C THR C 165 31.18 -2.60 32.03
N LYS C 166 32.18 -2.08 32.73
CA LYS C 166 32.38 -0.63 32.82
C LYS C 166 32.83 -0.11 31.47
N GLY C 167 33.97 -0.61 31.00
CA GLY C 167 34.52 -0.18 29.72
C GLY C 167 33.54 -0.26 28.57
N THR C 168 32.60 -1.20 28.69
CA THR C 168 31.59 -1.40 27.67
C THR C 168 30.51 -0.33 27.83
N VAL C 169 30.10 -0.07 29.07
CA VAL C 169 29.10 0.96 29.31
C VAL C 169 29.65 2.29 28.84
N ASP C 170 30.97 2.41 28.85
CA ASP C 170 31.61 3.62 28.41
C ASP C 170 31.49 3.78 26.90
N ILE C 171 31.72 2.70 26.18
CA ILE C 171 31.63 2.74 24.73
C ILE C 171 30.23 3.17 24.27
N ALA C 172 29.22 2.92 25.08
CA ALA C 172 27.84 3.29 24.73
C ALA C 172 27.55 4.77 24.91
N LYS C 173 28.32 5.41 25.78
CA LYS C 173 28.16 6.84 26.05
C LYS C 173 28.60 7.69 24.86
N SER C 174 29.40 7.09 23.97
CA SER C 174 29.96 7.75 22.78
C SER C 174 28.96 8.24 21.73
N ASP C 175 27.76 7.67 21.73
CA ASP C 175 26.77 8.05 20.74
C ASP C 175 25.38 7.75 21.29
N LYS C 176 24.71 8.78 21.80
CA LYS C 176 23.37 8.62 22.38
C LYS C 176 22.28 8.43 21.31
N ASP C 177 22.62 8.75 20.07
CA ASP C 177 21.66 8.62 18.97
C ASP C 177 21.66 7.25 18.34
N PHE C 178 22.82 6.62 18.36
CA PHE C 178 23.01 5.30 17.77
C PHE C 178 22.89 4.19 18.82
N VAL C 179 23.58 4.34 19.96
CA VAL C 179 23.53 3.32 21.00
C VAL C 179 22.25 3.48 21.81
N ILE C 180 21.36 2.51 21.65
CA ILE C 180 20.04 2.49 22.30
C ILE C 180 20.08 2.04 23.75
N GLY C 181 21.00 1.14 24.06
CA GLY C 181 21.12 0.64 25.42
C GLY C 181 22.04 -0.57 25.49
N PHE C 182 21.69 -1.54 26.33
CA PHE C 182 22.53 -2.73 26.48
C PHE C 182 21.78 -4.02 26.58
N ILE C 183 22.53 -5.10 26.38
CA ILE C 183 22.01 -6.43 26.57
C ILE C 183 22.68 -6.63 27.93
N ALA C 184 21.88 -6.57 28.99
CA ALA C 184 22.43 -6.69 30.33
C ALA C 184 21.45 -7.42 31.25
N GLN C 185 21.95 -7.90 32.40
CA GLN C 185 21.12 -8.63 33.34
C GLN C 185 20.46 -7.73 34.36
N ARG C 186 20.92 -6.49 34.42
CA ARG C 186 20.38 -5.55 35.36
C ARG C 186 20.47 -4.12 34.84
N ASP C 187 19.72 -3.21 35.47
CA ASP C 187 19.71 -1.79 35.13
C ASP C 187 21.18 -1.35 35.07
N MET C 188 21.55 -0.55 34.08
CA MET C 188 22.93 -0.09 33.95
C MET C 188 23.07 1.42 34.25
N GLY C 189 22.03 2.00 34.83
CA GLY C 189 22.03 3.41 35.18
C GLY C 189 22.17 4.33 33.98
N GLY C 190 22.70 5.53 34.23
CA GLY C 190 22.89 6.47 33.15
C GLY C 190 21.87 7.59 33.12
N ARG C 191 20.75 7.39 33.82
CA ARG C 191 19.69 8.40 33.87
C ARG C 191 20.27 9.76 34.25
N ASP C 192 21.21 9.74 35.19
CA ASP C 192 21.90 10.92 35.70
C ASP C 192 22.64 11.72 34.61
N GLU C 193 23.23 11.00 33.65
CA GLU C 193 23.97 11.62 32.57
C GLU C 193 23.15 11.85 31.29
N GLY C 194 21.82 11.84 31.42
CA GLY C 194 20.95 12.07 30.28
C GLY C 194 20.80 10.89 29.33
N TYR C 195 21.01 9.67 29.83
CA TYR C 195 20.88 8.48 29.03
C TYR C 195 19.62 7.70 29.37
N ASP C 196 18.87 7.29 28.35
CA ASP C 196 17.67 6.51 28.56
C ASP C 196 17.99 5.12 28.02
N TRP C 197 19.04 4.51 28.57
CA TRP C 197 19.51 3.18 28.17
C TRP C 197 18.40 2.12 28.14
N LEU C 198 18.27 1.42 27.02
CA LEU C 198 17.29 0.37 26.93
C LEU C 198 17.94 -0.92 27.46
N ILE C 199 17.29 -1.60 28.39
CA ILE C 199 17.84 -2.81 28.97
C ILE C 199 17.10 -4.05 28.49
N MET C 200 17.71 -4.81 27.60
CA MET C 200 17.09 -6.02 27.07
C MET C 200 17.85 -7.20 27.67
N THR C 201 17.16 -8.10 28.36
CA THR C 201 17.86 -9.22 28.97
C THR C 201 17.40 -10.63 28.61
N PRO C 202 18.29 -11.42 27.99
CA PRO C 202 18.09 -12.79 27.53
C PRO C 202 18.31 -13.67 28.73
N GLY C 203 18.12 -14.98 28.57
CA GLY C 203 18.31 -15.87 29.70
C GLY C 203 17.11 -15.76 30.64
N VAL C 204 15.93 -15.66 30.03
CA VAL C 204 14.68 -15.57 30.79
C VAL C 204 13.81 -16.79 30.47
N GLY C 205 13.27 -17.40 31.52
CA GLY C 205 12.45 -18.57 31.34
C GLY C 205 11.65 -18.84 32.59
N LEU C 206 10.37 -19.11 32.40
CA LEU C 206 9.49 -19.40 33.51
C LEU C 206 9.56 -20.88 33.91
N ASP C 207 10.04 -21.72 33.01
CA ASP C 207 10.09 -23.15 33.31
C ASP C 207 11.50 -23.70 33.45
N ASP C 208 12.25 -23.64 32.35
CA ASP C 208 13.62 -24.15 32.31
C ASP C 208 14.54 -23.48 33.32
N LYS C 209 15.53 -24.21 33.81
CA LYS C 209 16.50 -23.68 34.77
C LYS C 209 17.72 -23.41 33.91
N GLY C 210 17.70 -24.02 32.71
CA GLY C 210 18.75 -23.78 31.76
C GLY C 210 19.76 -24.79 31.30
N ASP C 211 20.99 -24.30 31.32
CA ASP C 211 22.22 -24.98 30.96
C ASP C 211 22.27 -25.89 29.74
N ALA C 212 22.89 -27.04 29.97
CA ALA C 212 23.17 -28.06 28.99
C ALA C 212 24.56 -27.63 28.52
N LEU C 213 24.67 -26.35 28.15
CA LEU C 213 25.92 -25.75 27.66
C LEU C 213 26.26 -24.38 28.26
N GLY C 214 25.85 -24.12 29.49
CA GLY C 214 26.17 -22.84 30.12
C GLY C 214 25.01 -21.91 30.43
N GLN C 215 23.87 -22.08 29.79
CA GLN C 215 22.73 -21.21 30.04
C GLN C 215 22.19 -21.26 31.47
N GLN C 216 21.50 -20.19 31.86
CA GLN C 216 20.91 -20.08 33.17
C GLN C 216 19.73 -19.14 33.00
N TYR C 217 18.56 -19.56 33.46
CA TYR C 217 17.38 -18.71 33.31
C TYR C 217 16.92 -18.04 34.59
N ARG C 218 16.30 -16.87 34.42
CA ARG C 218 15.77 -16.07 35.52
C ARG C 218 14.31 -15.85 35.19
N THR C 219 13.44 -15.82 36.18
CA THR C 219 12.02 -15.63 35.87
C THR C 219 11.74 -14.25 35.30
N VAL C 220 10.59 -14.13 34.63
CA VAL C 220 10.18 -12.87 34.04
C VAL C 220 10.07 -11.81 35.14
N ASP C 221 9.49 -12.20 36.27
CA ASP C 221 9.37 -11.25 37.37
C ASP C 221 10.75 -10.89 37.89
N ASP C 222 11.61 -11.89 38.03
CA ASP C 222 12.97 -11.68 38.53
C ASP C 222 13.68 -10.58 37.74
N VAL C 223 13.90 -10.81 36.45
CA VAL C 223 14.58 -9.83 35.61
C VAL C 223 13.92 -8.45 35.53
N VAL C 224 12.60 -8.41 35.36
CA VAL C 224 11.88 -7.14 35.29
C VAL C 224 12.19 -6.24 36.49
N SER C 225 11.94 -6.74 37.69
CA SER C 225 12.17 -5.98 38.91
C SER C 225 13.64 -5.55 39.01
N THR C 226 14.49 -6.18 38.21
CA THR C 226 15.92 -5.86 38.18
C THR C 226 16.14 -4.63 37.29
N GLY C 227 15.07 -4.20 36.63
CA GLY C 227 15.17 -3.03 35.76
C GLY C 227 15.19 -3.33 34.27
N SER C 228 14.72 -4.52 33.90
CA SER C 228 14.70 -4.92 32.50
C SER C 228 13.52 -4.28 31.80
N ASP C 229 13.78 -3.73 30.62
CA ASP C 229 12.74 -3.10 29.81
C ASP C 229 12.07 -4.15 28.92
N ILE C 230 12.90 -4.98 28.29
CA ILE C 230 12.46 -6.05 27.39
C ILE C 230 13.00 -7.41 27.86
N ILE C 231 12.20 -8.46 27.72
CA ILE C 231 12.64 -9.82 28.10
C ILE C 231 12.83 -10.68 26.84
N ILE C 232 14.05 -11.15 26.62
CA ILE C 232 14.40 -11.98 25.47
C ILE C 232 14.25 -13.46 25.82
N VAL C 233 13.20 -14.09 25.28
CA VAL C 233 12.92 -15.50 25.53
C VAL C 233 13.01 -16.33 24.26
N GLY C 234 13.77 -17.42 24.30
CA GLY C 234 13.94 -18.30 23.15
C GLY C 234 13.32 -19.68 23.33
N ARG C 235 14.13 -20.66 23.75
CA ARG C 235 13.66 -22.03 23.97
C ARG C 235 12.45 -22.12 24.92
N GLY C 236 12.25 -21.07 25.71
CA GLY C 236 11.13 -21.04 26.63
C GLY C 236 9.81 -20.85 25.91
N LEU C 237 9.87 -20.46 24.65
CA LEU C 237 8.65 -20.24 23.85
C LEU C 237 8.36 -21.35 22.83
N PHE C 238 9.38 -21.86 22.18
CA PHE C 238 9.14 -22.84 21.13
C PHE C 238 9.73 -24.22 21.35
N ALA C 239 10.70 -24.33 22.24
CA ALA C 239 11.35 -25.61 22.46
C ALA C 239 10.58 -26.59 23.33
N LYS C 240 11.18 -27.76 23.57
CA LYS C 240 10.64 -28.84 24.40
C LYS C 240 9.16 -29.19 24.17
N GLY C 241 8.71 -29.09 22.93
CA GLY C 241 7.35 -29.44 22.61
C GLY C 241 6.35 -28.31 22.82
N ARG C 242 6.82 -27.21 23.39
CA ARG C 242 5.97 -26.05 23.70
C ARG C 242 5.21 -25.49 22.50
N ASP C 243 4.17 -24.73 22.80
CA ASP C 243 3.37 -24.07 21.78
C ASP C 243 3.73 -22.59 21.76
N ALA C 244 4.44 -22.17 20.72
CA ALA C 244 4.89 -20.79 20.59
C ALA C 244 3.76 -19.80 20.79
N LYS C 245 2.62 -20.07 20.18
CA LYS C 245 1.44 -19.21 20.29
C LYS C 245 1.00 -19.02 21.74
N VAL C 246 0.89 -20.11 22.50
CA VAL C 246 0.47 -20.05 23.91
C VAL C 246 1.51 -19.45 24.84
N GLU C 247 2.77 -19.83 24.64
CA GLU C 247 3.85 -19.30 25.44
C GLU C 247 4.01 -17.79 25.16
N GLY C 248 3.78 -17.42 23.91
CA GLY C 248 3.89 -16.02 23.53
C GLY C 248 2.98 -15.14 24.37
N GLU C 249 1.71 -15.49 24.41
CA GLU C 249 0.73 -14.75 25.16
C GLU C 249 1.06 -14.85 26.64
N ARG C 250 1.55 -16.00 27.05
CA ARG C 250 1.90 -16.25 28.44
C ARG C 250 3.01 -15.32 28.89
N TYR C 251 4.18 -15.42 28.25
CA TYR C 251 5.33 -14.58 28.61
C TYR C 251 5.06 -13.11 28.37
N ARG C 252 4.36 -12.81 27.29
CA ARG C 252 4.05 -11.44 26.97
C ARG C 252 3.26 -10.79 28.09
N LYS C 253 2.27 -11.54 28.59
CA LYS C 253 1.40 -11.09 29.67
C LYS C 253 2.09 -11.07 31.04
N ALA C 254 3.03 -12.00 31.25
CA ALA C 254 3.74 -12.08 32.52
C ALA C 254 4.76 -10.96 32.61
N GLY C 255 5.25 -10.52 31.46
CA GLY C 255 6.22 -9.45 31.43
C GLY C 255 5.56 -8.09 31.53
N TRP C 256 4.38 -7.98 30.92
CA TRP C 256 3.67 -6.72 30.96
C TRP C 256 3.13 -6.42 32.35
N GLU C 257 2.71 -7.45 33.08
CA GLU C 257 2.20 -7.23 34.42
C GLU C 257 3.34 -6.99 35.40
N ALA C 258 4.53 -7.52 35.10
CA ALA C 258 5.69 -7.32 35.96
C ALA C 258 6.21 -5.90 35.78
N TYR C 259 5.80 -5.30 34.67
CA TYR C 259 6.19 -3.94 34.33
C TYR C 259 5.24 -2.98 35.02
N LEU C 260 3.95 -3.19 34.83
CA LEU C 260 2.94 -2.33 35.45
C LEU C 260 3.10 -2.32 36.96
N ARG C 261 3.70 -3.37 37.49
CA ARG C 261 3.95 -3.52 38.92
C ARG C 261 5.14 -2.65 39.35
N ARG C 262 6.19 -2.63 38.54
CA ARG C 262 7.38 -1.85 38.83
C ARG C 262 7.11 -0.35 38.64
N CYS C 263 6.10 -0.02 37.85
CA CYS C 263 5.76 1.38 37.63
C CYS C 263 4.91 1.91 38.77
N GLY C 264 4.42 1.00 39.60
CA GLY C 264 3.65 1.38 40.77
C GLY C 264 4.65 1.64 41.87
N GLN C 265 5.92 1.34 41.56
CA GLN C 265 7.04 1.55 42.48
C GLN C 265 7.30 3.04 42.66
N GLN C 266 7.86 3.39 43.82
CA GLN C 266 8.19 4.77 44.17
C GLN C 266 9.33 4.64 45.19
N ASP C 267 10.16 3.63 44.97
CA ASP C 267 11.32 3.29 45.81
C ASP C 267 10.91 2.56 47.12
N MET D 1 63.87 -17.58 28.38
CA MET D 1 62.47 -17.26 27.97
C MET D 1 62.19 -17.74 26.53
N HIS D 2 63.24 -17.74 25.72
CA HIS D 2 63.13 -18.18 24.34
C HIS D 2 62.62 -19.63 24.31
N LYS D 3 61.73 -19.92 23.36
CA LYS D 3 61.13 -21.25 23.22
C LYS D 3 61.93 -22.25 22.37
N ALA D 4 61.47 -23.50 22.39
CA ALA D 4 62.10 -24.58 21.62
C ALA D 4 61.75 -24.38 20.14
N THR D 5 62.60 -24.85 19.24
CA THR D 5 62.31 -24.69 17.82
C THR D 5 60.93 -25.25 17.51
N TYR D 6 60.46 -24.96 16.29
CA TYR D 6 59.17 -25.43 15.85
C TYR D 6 59.20 -26.94 15.64
N LYS D 7 60.31 -27.44 15.08
CA LYS D 7 60.45 -28.86 14.82
C LYS D 7 60.33 -29.69 16.10
N GLU D 8 60.77 -29.10 17.21
CA GLU D 8 60.71 -29.77 18.51
C GLU D 8 59.31 -29.76 19.09
N ARG D 9 58.68 -28.58 19.10
CA ARG D 9 57.34 -28.44 19.65
C ARG D 9 56.32 -29.26 18.86
N ALA D 10 56.72 -29.68 17.67
CA ALA D 10 55.85 -30.47 16.84
C ALA D 10 55.74 -31.88 17.42
N ALA D 11 56.87 -32.39 17.89
CA ALA D 11 56.92 -33.73 18.47
C ALA D 11 56.51 -33.66 19.94
N THR D 12 56.37 -32.44 20.44
CA THR D 12 56.04 -32.19 21.84
C THR D 12 54.60 -31.82 22.10
N HIS D 13 54.00 -31.14 21.13
CA HIS D 13 52.62 -30.68 21.31
C HIS D 13 51.57 -31.76 21.33
N PRO D 14 50.67 -31.70 22.33
CA PRO D 14 49.57 -32.65 22.53
C PRO D 14 48.51 -32.64 21.42
N SER D 15 48.32 -31.46 20.82
CA SER D 15 47.34 -31.30 19.72
C SER D 15 47.90 -31.60 18.34
N PRO D 16 47.21 -32.48 17.59
CA PRO D 16 47.62 -32.87 16.25
C PRO D 16 47.66 -31.71 15.24
N VAL D 17 46.79 -30.73 15.40
CA VAL D 17 46.82 -29.58 14.49
C VAL D 17 47.99 -28.65 14.78
N ALA D 18 48.26 -28.38 16.06
CA ALA D 18 49.38 -27.52 16.44
C ALA D 18 50.69 -28.17 15.98
N ALA D 19 50.76 -29.50 16.13
CA ALA D 19 51.93 -30.28 15.71
C ALA D 19 52.12 -30.12 14.20
N LYS D 20 51.07 -30.44 13.45
CA LYS D 20 51.13 -30.32 12.00
C LYS D 20 51.59 -28.92 11.61
N LEU D 21 50.99 -27.90 12.21
CA LEU D 21 51.34 -26.52 11.90
C LEU D 21 52.82 -26.25 12.15
N PHE D 22 53.33 -26.74 13.28
CA PHE D 22 54.75 -26.57 13.62
C PHE D 22 55.63 -27.23 12.57
N ASN D 23 55.16 -28.35 12.04
CA ASN D 23 55.89 -29.07 11.00
C ASN D 23 55.89 -28.24 9.73
N ILE D 24 54.73 -27.70 9.37
CA ILE D 24 54.59 -26.87 8.18
C ILE D 24 55.56 -25.70 8.25
N MET D 25 55.60 -25.04 9.42
CA MET D 25 56.48 -23.90 9.64
C MET D 25 57.93 -24.30 9.42
N HIS D 26 58.28 -25.49 9.90
CA HIS D 26 59.63 -25.98 9.74
C HIS D 26 59.85 -26.36 8.28
N GLU D 27 58.98 -27.21 7.76
CA GLU D 27 59.08 -27.66 6.38
C GLU D 27 59.37 -26.50 5.43
N LYS D 28 58.55 -25.47 5.54
CA LYS D 28 58.63 -24.30 4.66
C LYS D 28 59.38 -23.07 5.18
N GLN D 29 59.77 -23.09 6.44
CA GLN D 29 60.49 -21.96 7.01
C GLN D 29 59.65 -20.70 6.99
N THR D 30 58.46 -20.81 7.58
CA THR D 30 57.53 -19.69 7.66
C THR D 30 56.76 -19.75 8.97
N ASN D 31 56.43 -18.57 9.47
CA ASN D 31 55.63 -18.42 10.68
C ASN D 31 54.62 -17.33 10.30
N LEU D 32 54.50 -17.14 8.99
CA LEU D 32 53.60 -16.15 8.42
C LEU D 32 52.26 -16.75 8.08
N CYS D 33 51.21 -16.14 8.61
CA CYS D 33 49.84 -16.53 8.36
C CYS D 33 49.29 -15.37 7.50
N ALA D 34 48.65 -15.69 6.39
CA ALA D 34 48.10 -14.65 5.52
C ALA D 34 46.61 -14.43 5.84
N SER D 35 46.23 -13.17 6.04
CA SER D 35 44.85 -12.83 6.34
C SER D 35 44.31 -12.02 5.14
N LEU D 36 44.09 -12.71 4.03
CA LEU D 36 43.60 -12.05 2.82
C LEU D 36 42.09 -11.74 2.92
N ASP D 37 41.79 -10.63 3.58
CA ASP D 37 40.40 -10.23 3.78
C ASP D 37 39.84 -9.44 2.62
N VAL D 38 39.45 -10.16 1.57
CA VAL D 38 38.86 -9.55 0.39
C VAL D 38 37.38 -9.99 0.35
N ARG D 39 36.55 -9.24 -0.38
CA ARG D 39 35.12 -9.53 -0.46
C ARG D 39 34.60 -10.56 -1.48
N THR D 40 35.42 -10.97 -2.45
CA THR D 40 34.95 -11.97 -3.43
C THR D 40 35.78 -13.24 -3.40
N THR D 41 35.14 -14.37 -3.66
CA THR D 41 35.85 -15.64 -3.65
C THR D 41 36.94 -15.61 -4.72
N LYS D 42 36.63 -15.01 -5.85
CA LYS D 42 37.59 -14.91 -6.94
C LYS D 42 38.94 -14.41 -6.43
N GLU D 43 39.06 -13.13 -6.10
CA GLU D 43 40.33 -12.61 -5.63
C GLU D 43 40.89 -13.32 -4.40
N LEU D 44 40.05 -13.80 -3.49
CA LEU D 44 40.55 -14.51 -2.31
C LEU D 44 41.38 -15.69 -2.79
N LEU D 45 40.80 -16.48 -3.69
CA LEU D 45 41.48 -17.65 -4.23
C LEU D 45 42.69 -17.31 -5.10
N GLU D 46 42.73 -16.09 -5.64
CA GLU D 46 43.86 -15.63 -6.46
C GLU D 46 44.95 -15.22 -5.49
N LEU D 47 44.57 -14.54 -4.41
CA LEU D 47 45.56 -14.13 -3.43
C LEU D 47 46.18 -15.36 -2.78
N VAL D 48 45.34 -16.36 -2.44
CA VAL D 48 45.80 -17.60 -1.80
C VAL D 48 46.77 -18.37 -2.71
N GLU D 49 46.40 -18.49 -3.98
CA GLU D 49 47.21 -19.16 -4.98
C GLU D 49 48.62 -18.56 -4.95
N ALA D 50 48.69 -17.24 -4.81
CA ALA D 50 49.96 -16.53 -4.78
C ALA D 50 50.74 -16.71 -3.49
N LEU D 51 50.05 -16.58 -2.35
CA LEU D 51 50.69 -16.74 -1.04
C LEU D 51 50.92 -18.20 -0.67
N GLY D 52 50.11 -19.09 -1.24
CA GLY D 52 50.20 -20.52 -0.96
C GLY D 52 51.53 -21.07 -0.46
N PRO D 53 52.63 -20.92 -1.23
CA PRO D 53 53.94 -21.44 -0.80
C PRO D 53 54.72 -20.68 0.28
N LYS D 54 54.28 -19.50 0.66
CA LYS D 54 55.01 -18.74 1.67
C LYS D 54 54.29 -18.65 3.03
N ILE D 55 53.12 -19.27 3.13
CA ILE D 55 52.37 -19.24 4.38
C ILE D 55 52.25 -20.62 5.01
N CYS D 56 52.14 -20.66 6.34
CA CYS D 56 51.97 -21.91 7.10
C CYS D 56 50.50 -22.01 7.52
N LEU D 57 49.78 -20.89 7.41
CA LEU D 57 48.39 -20.80 7.81
C LEU D 57 47.64 -19.72 7.00
N LEU D 58 46.35 -19.93 6.78
CA LEU D 58 45.51 -18.97 6.07
C LEU D 58 44.34 -18.62 6.99
N LYS D 59 44.31 -17.38 7.46
CA LYS D 59 43.23 -16.94 8.35
C LYS D 59 42.14 -16.33 7.49
N THR D 60 40.94 -16.85 7.64
CA THR D 60 39.83 -16.36 6.82
C THR D 60 38.69 -15.68 7.55
N HIS D 61 37.90 -14.97 6.76
CA HIS D 61 36.71 -14.27 7.20
C HIS D 61 35.73 -14.51 6.08
N VAL D 62 35.13 -15.69 6.07
CA VAL D 62 34.18 -16.04 5.01
C VAL D 62 32.91 -15.19 5.07
N ASP D 63 32.58 -14.63 6.23
CA ASP D 63 31.37 -13.79 6.39
C ASP D 63 31.58 -12.36 5.89
N ILE D 64 32.69 -12.15 5.19
CA ILE D 64 33.05 -10.86 4.64
C ILE D 64 32.93 -11.05 3.11
N LEU D 65 32.79 -12.31 2.71
CA LEU D 65 32.68 -12.71 1.31
C LEU D 65 31.27 -12.51 0.76
N THR D 66 31.18 -11.77 -0.34
CA THR D 66 29.89 -11.48 -0.96
C THR D 66 29.33 -12.69 -1.71
N ASP D 67 30.23 -13.58 -2.14
CA ASP D 67 29.82 -14.75 -2.90
C ASP D 67 30.30 -16.07 -2.29
N PHE D 68 30.02 -16.29 -1.01
CA PHE D 68 30.44 -17.54 -0.41
C PHE D 68 29.56 -18.69 -0.87
N SER D 69 30.17 -19.88 -0.91
CA SER D 69 29.49 -21.12 -1.28
C SER D 69 30.41 -22.27 -0.87
N MET D 70 29.83 -23.39 -0.49
CA MET D 70 30.62 -24.55 -0.08
C MET D 70 31.44 -25.04 -1.26
N GLU D 71 30.81 -25.08 -2.43
CA GLU D 71 31.47 -25.55 -3.64
C GLU D 71 32.51 -24.59 -4.24
N GLY D 72 32.16 -23.31 -4.33
CA GLY D 72 33.05 -22.33 -4.92
C GLY D 72 34.08 -21.68 -4.02
N THR D 73 33.87 -21.73 -2.71
CA THR D 73 34.80 -21.11 -1.79
C THR D 73 35.62 -22.15 -1.02
N VAL D 74 34.91 -23.00 -0.26
CA VAL D 74 35.56 -24.03 0.57
C VAL D 74 36.28 -25.14 -0.17
N LYS D 75 35.58 -25.80 -1.09
CA LYS D 75 36.20 -26.87 -1.84
C LYS D 75 37.57 -26.43 -2.40
N PRO D 76 37.62 -25.27 -3.11
CA PRO D 76 38.84 -24.72 -3.70
C PRO D 76 39.90 -24.31 -2.69
N LEU D 77 39.46 -23.85 -1.52
CA LEU D 77 40.38 -23.48 -0.47
C LEU D 77 41.02 -24.74 0.06
N LYS D 78 40.19 -25.70 0.43
CA LYS D 78 40.71 -26.97 0.93
C LYS D 78 41.77 -27.50 -0.05
N ALA D 79 41.48 -27.39 -1.35
CA ALA D 79 42.41 -27.85 -2.38
C ALA D 79 43.74 -27.10 -2.27
N LEU D 80 43.66 -25.78 -2.24
CA LEU D 80 44.84 -24.90 -2.13
C LEU D 80 45.62 -25.24 -0.88
N SER D 81 44.90 -25.53 0.20
CA SER D 81 45.50 -25.88 1.47
C SER D 81 46.30 -27.15 1.30
N ALA D 82 45.70 -28.11 0.58
CA ALA D 82 46.32 -29.40 0.31
C ALA D 82 47.49 -29.27 -0.67
N LYS D 83 47.31 -28.42 -1.67
CA LYS D 83 48.33 -28.22 -2.68
C LYS D 83 49.56 -27.45 -2.19
N TYR D 84 49.35 -26.35 -1.48
CA TYR D 84 50.47 -25.56 -1.00
C TYR D 84 50.91 -25.86 0.44
N ASN D 85 50.20 -26.78 1.08
CA ASN D 85 50.52 -27.20 2.44
C ASN D 85 50.47 -26.15 3.56
N PHE D 86 49.26 -25.77 3.96
CA PHE D 86 49.05 -24.80 5.04
C PHE D 86 47.68 -25.13 5.62
N LEU D 87 47.45 -24.68 6.84
CA LEU D 87 46.16 -24.94 7.50
C LEU D 87 45.12 -23.83 7.30
N LEU D 88 43.87 -24.16 7.61
CA LEU D 88 42.78 -23.21 7.45
C LEU D 88 42.31 -22.75 8.80
N PHE D 89 42.32 -21.45 8.98
CA PHE D 89 41.90 -20.82 10.23
C PHE D 89 40.79 -19.78 9.97
N GLU D 90 39.55 -20.15 10.30
CA GLU D 90 38.44 -19.24 10.15
C GLU D 90 38.33 -18.36 11.40
N ASP D 91 38.65 -17.08 11.22
CA ASP D 91 38.63 -16.10 12.29
C ASP D 91 37.18 -15.65 12.57
N ARG D 92 36.36 -16.56 13.06
CA ARG D 92 34.97 -16.22 13.35
C ARG D 92 34.76 -15.51 14.69
N LYS D 93 35.66 -15.75 15.65
CA LYS D 93 35.56 -15.11 16.96
C LYS D 93 34.22 -15.39 17.62
N PHE D 94 33.93 -16.66 17.86
CA PHE D 94 32.68 -17.04 18.48
C PHE D 94 32.55 -16.39 19.84
N ALA D 95 31.39 -15.81 20.11
CA ALA D 95 31.17 -15.14 21.39
C ALA D 95 29.70 -15.09 21.78
N ASP D 96 29.12 -16.25 22.02
CA ASP D 96 27.72 -16.35 22.42
C ASP D 96 27.58 -17.58 23.35
N ILE D 97 26.35 -17.88 23.79
CA ILE D 97 26.12 -19.04 24.66
C ILE D 97 26.70 -20.27 23.99
N GLY D 98 26.99 -21.31 24.77
CA GLY D 98 27.51 -22.52 24.19
C GLY D 98 26.55 -23.11 23.16
N ASN D 99 25.25 -22.98 23.44
CA ASN D 99 24.21 -23.50 22.54
C ASN D 99 24.17 -22.72 21.22
N THR D 100 24.24 -21.39 21.29
CA THR D 100 24.22 -20.60 20.08
C THR D 100 25.45 -20.85 19.24
N VAL D 101 26.64 -20.78 19.84
CA VAL D 101 27.89 -21.01 19.11
C VAL D 101 27.99 -22.40 18.48
N LYS D 102 27.41 -23.40 19.16
CA LYS D 102 27.40 -24.79 18.72
C LYS D 102 26.79 -24.89 17.33
N LEU D 103 25.70 -24.15 17.16
CA LEU D 103 24.97 -24.10 15.91
C LEU D 103 25.71 -23.23 14.87
N GLN D 104 26.18 -22.06 15.30
CA GLN D 104 26.87 -21.14 14.40
C GLN D 104 28.17 -21.74 13.85
N TYR D 105 28.77 -22.61 14.66
CA TYR D 105 30.03 -23.25 14.31
C TYR D 105 29.94 -24.53 13.46
N SER D 106 28.99 -25.40 13.77
CA SER D 106 28.86 -26.65 13.01
C SER D 106 28.01 -26.58 11.77
N ALA D 107 27.04 -25.67 11.77
CA ALA D 107 26.14 -25.58 10.65
C ALA D 107 26.00 -24.23 10.00
N GLY D 108 24.76 -23.78 9.89
CA GLY D 108 24.50 -22.51 9.26
C GLY D 108 24.73 -22.68 7.77
N VAL D 109 25.24 -21.62 7.17
CA VAL D 109 25.56 -21.58 5.76
C VAL D 109 27.04 -21.89 5.56
N TYR D 110 27.89 -21.37 6.46
CA TYR D 110 29.33 -21.55 6.34
C TYR D 110 29.85 -22.92 6.77
N ARG D 111 29.16 -23.56 7.70
CA ARG D 111 29.57 -24.89 8.16
C ARG D 111 31.08 -24.94 8.48
N ILE D 112 31.54 -23.93 9.20
CA ILE D 112 32.92 -23.74 9.61
C ILE D 112 33.62 -24.95 10.26
N ALA D 113 32.92 -25.67 11.11
CA ALA D 113 33.50 -26.82 11.79
C ALA D 113 33.86 -27.94 10.82
N GLU D 114 33.32 -27.90 9.62
CA GLU D 114 33.58 -28.94 8.62
C GLU D 114 34.91 -28.85 7.86
N TRP D 115 35.38 -27.65 7.60
CA TRP D 115 36.61 -27.45 6.85
C TRP D 115 37.73 -26.70 7.60
N ALA D 116 37.36 -25.89 8.59
CA ALA D 116 38.35 -25.12 9.34
C ALA D 116 39.15 -25.96 10.31
N ASP D 117 40.45 -26.02 10.10
CA ASP D 117 41.34 -26.76 10.99
C ASP D 117 41.40 -26.04 12.32
N ILE D 118 41.33 -24.71 12.28
CA ILE D 118 41.40 -23.89 13.49
C ILE D 118 40.36 -22.75 13.48
N THR D 119 39.93 -22.38 14.69
CA THR D 119 38.99 -21.26 14.89
C THR D 119 39.32 -20.61 16.22
N ASN D 120 38.51 -19.65 16.63
CA ASN D 120 38.74 -18.97 17.87
C ASN D 120 37.49 -18.44 18.52
N ALA D 121 37.61 -18.13 19.80
CA ALA D 121 36.51 -17.62 20.59
C ALA D 121 36.99 -16.55 21.57
N HIS D 122 36.08 -15.64 21.92
CA HIS D 122 36.37 -14.58 22.89
C HIS D 122 36.14 -15.23 24.24
N GLY D 123 36.91 -14.84 25.25
CA GLY D 123 36.74 -15.45 26.55
C GLY D 123 35.55 -14.90 27.33
N VAL D 124 34.92 -13.86 26.80
CA VAL D 124 33.79 -13.21 27.46
C VAL D 124 32.68 -14.15 27.94
N VAL D 125 32.25 -15.04 27.05
CA VAL D 125 31.17 -15.96 27.35
C VAL D 125 31.41 -16.88 28.53
N GLY D 126 32.66 -17.23 28.78
CA GLY D 126 32.93 -18.13 29.88
C GLY D 126 33.51 -19.41 29.31
N PRO D 127 33.77 -20.42 30.16
CA PRO D 127 34.34 -21.70 29.71
C PRO D 127 33.40 -22.56 28.87
N GLY D 128 32.10 -22.32 29.01
CA GLY D 128 31.13 -23.09 28.25
C GLY D 128 31.22 -22.91 26.74
N ILE D 129 32.13 -22.05 26.29
CA ILE D 129 32.26 -21.85 24.85
C ILE D 129 33.21 -22.89 24.24
N VAL D 130 34.30 -23.16 24.95
CA VAL D 130 35.26 -24.14 24.49
C VAL D 130 34.62 -25.51 24.38
N SER D 131 33.70 -25.80 25.29
CA SER D 131 33.01 -27.09 25.26
C SER D 131 31.96 -27.07 24.16
N GLY D 132 31.26 -25.95 24.02
CA GLY D 132 30.23 -25.83 23.01
C GLY D 132 30.82 -25.97 21.63
N LEU D 133 32.00 -25.40 21.42
CA LEU D 133 32.67 -25.47 20.12
C LEU D 133 33.31 -26.84 19.91
N LYS D 134 33.85 -27.41 20.99
CA LYS D 134 34.50 -28.73 20.96
C LYS D 134 33.50 -29.82 20.55
N GLN D 135 32.32 -29.78 21.18
CA GLN D 135 31.24 -30.73 20.93
C GLN D 135 30.64 -30.53 19.54
N ALA D 136 30.47 -29.28 19.14
CA ALA D 136 29.92 -28.96 17.84
C ALA D 136 30.81 -29.54 16.76
N ALA D 137 32.12 -29.47 16.97
CA ALA D 137 33.10 -29.97 16.01
C ALA D 137 33.10 -31.50 15.90
N GLU D 138 33.00 -32.15 17.05
CA GLU D 138 33.00 -33.60 17.07
C GLU D 138 31.67 -34.23 16.66
N GLU D 139 30.63 -33.40 16.60
CA GLU D 139 29.33 -33.87 16.17
C GLU D 139 29.24 -33.84 14.65
N VAL D 140 30.17 -33.14 13.98
CA VAL D 140 30.13 -33.07 12.51
C VAL D 140 31.40 -33.54 11.81
N THR D 141 32.48 -33.74 12.57
CA THR D 141 33.72 -34.18 11.96
C THR D 141 34.57 -35.04 12.87
N LYS D 142 35.27 -36.00 12.25
CA LYS D 142 36.18 -36.88 12.95
C LYS D 142 37.60 -36.28 12.86
N GLU D 143 37.73 -35.28 11.98
CA GLU D 143 38.99 -34.57 11.75
C GLU D 143 39.38 -33.74 12.97
N PRO D 144 40.69 -33.53 13.17
CA PRO D 144 41.26 -32.74 14.29
C PRO D 144 41.02 -31.23 14.18
N ARG D 145 40.45 -30.65 15.23
CA ARG D 145 40.17 -29.23 15.27
C ARG D 145 40.99 -28.62 16.40
N GLY D 146 41.31 -27.33 16.26
CA GLY D 146 42.08 -26.63 17.28
C GLY D 146 41.45 -25.27 17.52
N LEU D 147 41.35 -24.86 18.79
CA LEU D 147 40.74 -23.56 19.12
C LEU D 147 41.78 -22.60 19.69
N LEU D 148 41.70 -21.34 19.27
CA LEU D 148 42.58 -20.29 19.77
C LEU D 148 41.75 -19.31 20.60
N MET D 149 42.28 -18.90 21.74
CA MET D 149 41.54 -17.96 22.55
C MET D 149 42.09 -16.53 22.33
N LEU D 150 41.16 -15.58 22.19
CA LEU D 150 41.55 -14.19 21.99
C LEU D 150 41.89 -13.58 23.35
N ALA D 151 43.19 -13.52 23.63
CA ALA D 151 43.70 -12.99 24.90
C ALA D 151 43.87 -11.48 24.85
N GLU D 152 44.40 -11.00 23.74
CA GLU D 152 44.61 -9.57 23.55
C GLU D 152 44.33 -9.20 22.10
N LEU D 153 43.90 -7.96 21.89
CA LEU D 153 43.59 -7.43 20.56
C LEU D 153 44.65 -6.39 20.20
N SER D 154 44.70 -5.98 18.94
CA SER D 154 45.70 -4.99 18.52
C SER D 154 45.12 -3.61 18.19
N CYS D 155 43.80 -3.50 18.22
CA CYS D 155 43.09 -2.25 17.92
C CYS D 155 43.02 -1.28 19.11
N LYS D 156 42.90 0.01 18.80
CA LYS D 156 42.85 1.04 19.82
C LYS D 156 41.65 0.96 20.73
N GLY D 157 41.91 0.84 22.03
CA GLY D 157 40.85 0.77 23.01
C GLY D 157 40.40 -0.61 23.46
N SER D 158 41.13 -1.66 23.06
CA SER D 158 40.76 -3.03 23.43
C SER D 158 40.53 -3.21 24.92
N LEU D 159 39.49 -3.94 25.28
CA LEU D 159 39.20 -4.19 26.68
C LEU D 159 39.78 -5.53 27.14
N SER D 160 40.53 -6.19 26.26
CA SER D 160 41.17 -7.46 26.61
C SER D 160 42.36 -7.12 27.48
N THR D 161 42.09 -6.49 28.61
CA THR D 161 43.11 -6.05 29.54
C THR D 161 43.28 -7.00 30.71
N GLY D 162 44.50 -7.00 31.24
CA GLY D 162 44.86 -7.82 32.39
C GLY D 162 43.85 -8.79 32.96
N GLU D 163 42.82 -8.27 33.61
CA GLU D 163 41.80 -9.14 34.20
C GLU D 163 41.10 -10.03 33.19
N TYR D 164 40.47 -9.41 32.22
CA TYR D 164 39.78 -10.15 31.20
C TYR D 164 40.76 -11.15 30.53
N THR D 165 41.98 -10.69 30.26
CA THR D 165 43.02 -11.51 29.64
C THR D 165 43.32 -12.74 30.51
N LYS D 166 43.21 -12.57 31.82
CA LYS D 166 43.43 -13.65 32.77
C LYS D 166 42.35 -14.69 32.63
N GLY D 167 41.09 -14.28 32.85
CA GLY D 167 39.97 -15.20 32.75
C GLY D 167 39.91 -15.95 31.44
N THR D 168 40.47 -15.37 30.40
CA THR D 168 40.49 -15.96 29.07
C THR D 168 41.60 -17.03 29.00
N VAL D 169 42.75 -16.70 29.57
CA VAL D 169 43.87 -17.61 29.59
C VAL D 169 43.47 -18.81 30.43
N ASP D 170 42.56 -18.59 31.36
CA ASP D 170 42.08 -19.64 32.22
C ASP D 170 41.21 -20.61 31.45
N ILE D 171 40.39 -20.08 30.57
CA ILE D 171 39.50 -20.90 29.76
C ILE D 171 40.29 -21.84 28.83
N ALA D 172 41.50 -21.43 28.45
CA ALA D 172 42.34 -22.21 27.56
C ALA D 172 42.99 -23.41 28.26
N LYS D 173 43.15 -23.29 29.56
CA LYS D 173 43.76 -24.33 30.39
C LYS D 173 42.83 -25.55 30.53
N SER D 174 41.55 -25.35 30.25
CA SER D 174 40.53 -26.39 30.36
C SER D 174 40.70 -27.59 29.43
N ASP D 175 41.40 -27.39 28.32
CA ASP D 175 41.55 -28.43 27.33
C ASP D 175 42.86 -28.22 26.58
N LYS D 176 43.90 -28.96 26.97
CA LYS D 176 45.21 -28.84 26.35
C LYS D 176 45.27 -29.51 24.99
N ASP D 177 44.28 -30.34 24.67
CA ASP D 177 44.25 -31.03 23.38
C ASP D 177 43.54 -30.21 22.33
N PHE D 178 42.52 -29.48 22.75
CA PHE D 178 41.73 -28.67 21.85
C PHE D 178 42.25 -27.25 21.71
N VAL D 179 42.55 -26.61 22.83
CA VAL D 179 43.06 -25.23 22.80
C VAL D 179 44.55 -25.21 22.52
N ILE D 180 44.86 -24.80 21.29
CA ILE D 180 46.20 -24.72 20.76
C ILE D 180 47.01 -23.55 21.31
N GLY D 181 46.31 -22.45 21.59
CA GLY D 181 46.98 -21.28 22.09
C GLY D 181 46.11 -20.04 22.08
N PHE D 182 46.71 -18.90 21.79
CA PHE D 182 45.95 -17.67 21.81
C PHE D 182 46.24 -16.74 20.67
N ILE D 183 45.33 -15.80 20.48
CA ILE D 183 45.53 -14.73 19.53
C ILE D 183 45.88 -13.66 20.57
N ALA D 184 47.16 -13.32 20.66
CA ALA D 184 47.63 -12.35 21.64
C ALA D 184 48.80 -11.54 21.09
N GLN D 185 49.09 -10.41 21.72
CA GLN D 185 50.17 -9.52 21.32
C GLN D 185 51.51 -9.87 21.94
N ARG D 186 51.49 -10.74 22.94
CA ARG D 186 52.71 -11.12 23.62
C ARG D 186 52.62 -12.54 24.17
N ASP D 187 53.76 -13.08 24.57
CA ASP D 187 53.84 -14.41 25.15
C ASP D 187 52.82 -14.48 26.28
N MET D 188 52.13 -15.61 26.42
CA MET D 188 51.13 -15.73 27.49
C MET D 188 51.54 -16.75 28.57
N GLY D 189 52.83 -17.08 28.59
CA GLY D 189 53.33 -18.02 29.57
C GLY D 189 52.68 -19.37 29.44
N GLY D 190 52.66 -20.11 30.56
CA GLY D 190 52.06 -21.43 30.56
C GLY D 190 53.08 -22.56 30.57
N ARG D 191 54.26 -22.32 30.01
CA ARG D 191 55.33 -23.32 29.95
C ARG D 191 55.48 -24.07 31.27
N ASP D 192 55.44 -23.32 32.35
CA ASP D 192 55.54 -23.86 33.70
C ASP D 192 54.47 -24.93 34.00
N GLU D 193 53.25 -24.69 33.53
CA GLU D 193 52.12 -25.61 33.75
C GLU D 193 51.95 -26.69 32.68
N GLY D 194 52.97 -26.88 31.85
CA GLY D 194 52.88 -27.89 30.80
C GLY D 194 52.06 -27.50 29.59
N TYR D 195 52.08 -26.21 29.26
CA TYR D 195 51.33 -25.68 28.13
C TYR D 195 52.27 -25.13 27.06
N ASP D 196 52.07 -25.56 25.82
CA ASP D 196 52.89 -25.09 24.72
C ASP D 196 51.99 -24.16 23.90
N TRP D 197 51.42 -23.17 24.59
CA TRP D 197 50.54 -22.19 23.98
C TRP D 197 51.09 -21.60 22.67
N LEU D 198 50.33 -21.70 21.59
CA LEU D 198 50.75 -21.14 20.32
C LEU D 198 50.31 -19.68 20.33
N ILE D 199 51.25 -18.77 20.08
CA ILE D 199 50.97 -17.33 20.07
C ILE D 199 50.92 -16.77 18.65
N MET D 200 49.72 -16.49 18.17
CA MET D 200 49.53 -15.93 16.85
C MET D 200 49.10 -14.48 17.08
N THR D 201 49.80 -13.55 16.44
CA THR D 201 49.46 -12.14 16.62
C THR D 201 49.27 -11.34 15.32
N PRO D 202 48.08 -10.72 15.19
CA PRO D 202 47.65 -9.90 14.06
C PRO D 202 48.08 -8.47 14.35
N GLY D 203 47.75 -7.56 13.46
CA GLY D 203 48.14 -6.19 13.66
C GLY D 203 49.65 -6.07 13.47
N VAL D 204 50.16 -6.74 12.44
CA VAL D 204 51.59 -6.75 12.09
C VAL D 204 51.74 -6.10 10.71
N GLY D 205 52.69 -5.17 10.61
CA GLY D 205 52.90 -4.49 9.35
C GLY D 205 54.24 -3.78 9.32
N LEU D 206 54.97 -3.97 8.24
CA LEU D 206 56.27 -3.36 8.07
C LEU D 206 56.15 -1.91 7.57
N ASP D 207 55.08 -1.62 6.84
CA ASP D 207 54.90 -0.29 6.29
C ASP D 207 53.84 0.55 6.96
N ASP D 208 52.61 0.06 6.96
CA ASP D 208 51.47 0.76 7.54
C ASP D 208 51.60 0.98 9.05
N LYS D 209 51.01 2.08 9.53
CA LYS D 209 51.04 2.39 10.95
C LYS D 209 49.67 2.01 11.46
N GLY D 210 48.76 1.82 10.53
CA GLY D 210 47.43 1.37 10.90
C GLY D 210 46.17 2.16 10.71
N ASP D 211 45.37 2.10 11.77
CA ASP D 211 44.07 2.74 11.96
C ASP D 211 43.07 2.83 10.84
N ALA D 212 42.53 4.05 10.73
CA ALA D 212 41.48 4.45 9.81
C ALA D 212 40.24 4.17 10.67
N LEU D 213 40.23 2.97 11.27
CA LEU D 213 39.14 2.49 12.13
C LEU D 213 39.58 1.80 13.42
N GLY D 214 40.77 2.13 13.93
CA GLY D 214 41.21 1.52 15.16
C GLY D 214 42.41 0.58 15.10
N GLN D 215 42.84 0.20 13.90
CA GLN D 215 43.99 -0.68 13.79
C GLN D 215 45.31 -0.02 14.16
N GLN D 216 46.25 -0.86 14.57
CA GLN D 216 47.58 -0.40 14.96
C GLN D 216 48.51 -1.54 14.62
N TYR D 217 49.58 -1.23 13.88
CA TYR D 217 50.55 -2.26 13.48
C TYR D 217 51.88 -2.21 14.23
N ARG D 218 52.51 -3.36 14.36
CA ARG D 218 53.80 -3.49 15.02
C ARG D 218 54.67 -4.20 14.00
N THR D 219 55.96 -3.91 13.99
CA THR D 219 56.82 -4.56 13.01
C THR D 219 56.94 -6.07 13.26
N VAL D 220 57.39 -6.79 12.24
CA VAL D 220 57.57 -8.22 12.34
C VAL D 220 58.60 -8.49 13.43
N ASP D 221 59.66 -7.71 13.44
CA ASP D 221 60.69 -7.91 14.44
C ASP D 221 60.14 -7.57 15.81
N ASP D 222 59.33 -6.52 15.89
CA ASP D 222 58.74 -6.10 17.17
C ASP D 222 57.97 -7.25 17.86
N VAL D 223 56.92 -7.74 17.21
CA VAL D 223 56.10 -8.81 17.76
C VAL D 223 56.85 -10.11 18.06
N VAL D 224 57.66 -10.56 17.09
CA VAL D 224 58.42 -11.79 17.27
C VAL D 224 59.22 -11.80 18.58
N SER D 225 59.99 -10.73 18.82
CA SER D 225 60.81 -10.65 20.02
C SER D 225 59.92 -10.58 21.24
N THR D 226 58.62 -10.39 21.02
CA THR D 226 57.65 -10.31 22.11
C THR D 226 57.15 -11.72 22.41
N GLY D 227 57.65 -12.68 21.63
CA GLY D 227 57.29 -14.07 21.81
C GLY D 227 56.26 -14.64 20.84
N SER D 228 56.04 -13.95 19.73
CA SER D 228 55.05 -14.40 18.75
C SER D 228 55.56 -15.57 17.94
N ASP D 229 54.72 -16.60 17.78
CA ASP D 229 55.07 -17.78 17.01
C ASP D 229 54.72 -17.58 15.56
N ILE D 230 53.53 -17.03 15.33
CA ILE D 230 53.07 -16.77 13.98
C ILE D 230 52.65 -15.31 13.86
N ILE D 231 52.89 -14.73 12.68
CA ILE D 231 52.51 -13.35 12.42
C ILE D 231 51.38 -13.31 11.38
N ILE D 232 50.24 -12.76 11.79
CA ILE D 232 49.06 -12.64 10.94
C ILE D 232 49.09 -11.28 10.25
N VAL D 233 49.32 -11.28 8.95
CA VAL D 233 49.39 -10.02 8.20
C VAL D 233 48.30 -10.01 7.13
N GLY D 234 47.62 -8.87 6.99
CA GLY D 234 46.56 -8.76 6.00
C GLY D 234 46.80 -7.70 4.95
N ARG D 235 46.22 -6.52 5.17
CA ARG D 235 46.35 -5.41 4.24
C ARG D 235 47.81 -5.14 3.92
N GLY D 236 48.69 -5.62 4.79
CA GLY D 236 50.12 -5.41 4.59
C GLY D 236 50.68 -6.25 3.47
N LEU D 237 49.89 -7.20 2.99
CA LEU D 237 50.35 -8.08 1.92
C LEU D 237 49.72 -7.81 0.56
N PHE D 238 48.42 -7.54 0.54
CA PHE D 238 47.69 -7.35 -0.70
C PHE D 238 47.10 -5.95 -0.92
N ALA D 239 46.96 -5.16 0.14
CA ALA D 239 46.36 -3.85 0.02
C ALA D 239 47.25 -2.74 -0.55
N LYS D 240 46.67 -1.55 -0.65
CA LYS D 240 47.34 -0.35 -1.13
C LYS D 240 48.15 -0.51 -2.41
N GLY D 241 47.71 -1.40 -3.29
CA GLY D 241 48.40 -1.60 -4.55
C GLY D 241 49.55 -2.59 -4.50
N ARG D 242 49.87 -3.05 -3.29
CA ARG D 242 50.97 -4.00 -3.07
C ARG D 242 50.84 -5.30 -3.86
N ASP D 243 51.97 -5.99 -3.99
CA ASP D 243 52.01 -7.26 -4.69
C ASP D 243 52.09 -8.40 -3.65
N ALA D 244 50.98 -9.12 -3.49
CA ALA D 244 50.89 -10.23 -2.54
C ALA D 244 52.07 -11.18 -2.64
N LYS D 245 52.40 -11.60 -3.86
CA LYS D 245 53.51 -12.52 -4.10
C LYS D 245 54.82 -12.00 -3.51
N VAL D 246 55.16 -10.74 -3.80
CA VAL D 246 56.40 -10.13 -3.29
C VAL D 246 56.39 -9.91 -1.79
N GLU D 247 55.29 -9.36 -1.29
CA GLU D 247 55.13 -9.11 0.14
C GLU D 247 55.13 -10.43 0.90
N GLY D 248 54.59 -11.48 0.27
CA GLY D 248 54.54 -12.78 0.91
C GLY D 248 55.94 -13.26 1.25
N GLU D 249 56.81 -13.20 0.24
CA GLU D 249 58.19 -13.63 0.41
C GLU D 249 58.89 -12.68 1.39
N ARG D 250 58.58 -11.39 1.28
CA ARG D 250 59.16 -10.37 2.14
C ARG D 250 58.88 -10.62 3.61
N TYR D 251 57.60 -10.65 3.96
CA TYR D 251 57.16 -10.87 5.35
C TYR D 251 57.56 -12.24 5.87
N ARG D 252 57.33 -13.26 5.06
CA ARG D 252 57.68 -14.61 5.44
C ARG D 252 59.14 -14.68 5.89
N LYS D 253 60.02 -14.11 5.07
CA LYS D 253 61.45 -14.07 5.31
C LYS D 253 61.84 -13.21 6.53
N ALA D 254 61.17 -12.06 6.67
CA ALA D 254 61.46 -11.16 7.79
C ALA D 254 61.00 -11.75 9.13
N GLY D 255 60.02 -12.62 9.08
CA GLY D 255 59.53 -13.25 10.29
C GLY D 255 60.36 -14.48 10.65
N TRP D 256 60.85 -15.18 9.62
CA TRP D 256 61.66 -16.36 9.85
C TRP D 256 63.02 -15.97 10.43
N GLU D 257 63.61 -14.90 9.92
CA GLU D 257 64.91 -14.46 10.43
C GLU D 257 64.77 -13.88 11.84
N ALA D 258 63.63 -13.26 12.14
CA ALA D 258 63.39 -12.69 13.45
C ALA D 258 63.19 -13.81 14.47
N TYR D 259 62.85 -14.99 13.95
CA TYR D 259 62.63 -16.19 14.75
C TYR D 259 63.97 -16.86 15.05
N LEU D 260 64.77 -17.05 14.00
CA LEU D 260 66.09 -17.67 14.14
C LEU D 260 66.99 -16.82 15.04
N ARG D 261 66.62 -15.55 15.16
CA ARG D 261 67.35 -14.58 15.98
C ARG D 261 66.98 -14.76 17.45
N ARG D 262 65.69 -15.02 17.70
CA ARG D 262 65.19 -15.19 19.07
C ARG D 262 65.61 -16.56 19.62
N CYS D 263 65.90 -17.51 18.72
CA CYS D 263 66.31 -18.85 19.14
C CYS D 263 67.81 -18.87 19.49
N GLY D 264 68.50 -17.80 19.13
CA GLY D 264 69.91 -17.67 19.44
C GLY D 264 69.98 -17.06 20.83
N GLN D 265 68.80 -16.67 21.33
CA GLN D 265 68.62 -16.08 22.66
C GLN D 265 68.87 -17.13 23.73
N GLN D 266 69.31 -16.66 24.89
CA GLN D 266 69.59 -17.52 26.03
C GLN D 266 69.40 -16.63 27.26
N ASP D 267 68.42 -15.73 27.13
CA ASP D 267 68.03 -14.74 28.14
C ASP D 267 69.02 -13.56 28.18
#